data_6EAA
#
_entry.id   6EAA
#
_cell.length_a   75.399
_cell.length_b   108.850
_cell.length_c   117.720
_cell.angle_alpha   90.000
_cell.angle_beta   90.000
_cell.angle_gamma   90.000
#
_symmetry.space_group_name_H-M   'P 21 21 21'
#
loop_
_entity.id
_entity.type
_entity.pdbx_description
1 polymer 'M1 family aminopeptidase'
2 non-polymer 'ZINC ION'
3 non-polymer "N-[(1R)-2-(hydroxyamino)-2-oxo-1-(3',4',5'-trifluoro[1,1'-biphenyl]-4-yl)ethyl]cyclohexanecarboxamide"
4 non-polymer GLYCEROL
5 non-polymer 'MAGNESIUM ION'
6 non-polymer 'PHOSPHATE ION'
7 water water
#
_entity_poly.entity_id   1
_entity_poly.type   'polypeptide(L)'
_entity_poly.pdbx_seq_one_letter_code
;PKIHYRKDYKPSGFIINQVTLNINIHDQETIVRSVLDMDISKHNVGEDLVFDGVGLKINEISINNKKLVEGEEYTYDNEF
LTIFSKFVPKSKFAFSSEVIIHPETNYALTGLYKSKNIIVSQCEATGFRRITFFIDRPDMMAKYDVTVTADKEKYPVLLS
NGDKVNEFEIPGGRHGARFNDPPLKPCYLFAVVAGDLKHLSATYITKYTKKKVELYVFSEEKYVSKLQWALECLKKSMAF
DEDYFGLEYDLSRLNLVAVSDFNVGAMENKGLNIFNANSLLASKKNSIDFSYARILTVVGHEYFHQYTGNRVTLRDWFQL
TLKEGLTVHRENLFSEEMTKTVTTRLSHVDLLRSVQFLEDSSPLSHPIRPESYVSMENFYTTTVYDKGSEVMRMYLTILG
EEYYKKGFDIYIKKNDGNTATCEDFNYAMEQAYKMKKADNSANLNQYLLWFSQSGTPHVSFKYNYDAEKKQYSIHVNQYT
KPDENQKEKKPLFIPISVGLINPENGKEMISQTTLELTKESDTFVFNNIAVKPIPSLFRGFSAPVYIEDQLTDEERILLL
KYDSDAFVRYNSCTNIYMKQILMNYNEFLKAKNEKLESFQLTPVNAQFIDAIKYLLEDPHADAGFKSYIVSLPQDRYIIN
FVSNLDTDVLADTKEYIYKQIGDKLNDVYYKMFKSLEAKADDLTYFNDESHVDFDQMNMRTLRNTLLSLLSKAQYPNILN
EIIEHSKSPYPSNWLTSLSVSAYFDKYFELYDKTYKLSKDDELLLQEWLKTVSRSDRKDIYEILKKLENEVLKDSKNPND
IRAVYLPFTNNLRRFHDISGKGYKLIAEVITKTDKFNPMVATQLCEPFKLWNKLDTKRQELMLNEMNTMLQEPQISNNLK
EYLLRLTNK
;
_entity_poly.pdbx_strand_id   A
#
# COMPACT_ATOMS: atom_id res chain seq x y z
N PRO A 1 -12.56 -26.51 -2.03
CA PRO A 1 -11.89 -25.28 -1.53
C PRO A 1 -12.66 -24.66 -0.36
N LYS A 2 -12.07 -24.66 0.83
CA LYS A 2 -12.82 -24.24 2.01
C LYS A 2 -13.03 -22.73 2.06
N ILE A 3 -14.28 -22.32 2.26
CA ILE A 3 -14.61 -20.91 2.43
C ILE A 3 -14.79 -20.63 3.90
N HIS A 4 -14.08 -19.64 4.42
CA HIS A 4 -14.23 -19.25 5.81
C HIS A 4 -15.22 -18.08 5.88
N TYR A 5 -16.16 -18.14 6.82
CA TYR A 5 -17.19 -17.09 6.96
C TYR A 5 -17.03 -16.30 8.25
N ARG A 6 -17.06 -14.97 8.14
CA ARG A 6 -16.92 -14.11 9.33
C ARG A 6 -17.89 -14.48 10.45
N LYS A 7 -19.13 -14.81 10.11
CA LYS A 7 -20.15 -15.03 11.11
C LYS A 7 -19.94 -16.37 11.83
N ASP A 8 -19.04 -17.20 11.31
CA ASP A 8 -18.81 -18.53 11.88
C ASP A 8 -17.76 -18.55 12.98
N TYR A 9 -17.21 -17.38 13.33
CA TYR A 9 -16.18 -17.34 14.39
C TYR A 9 -16.61 -18.01 15.68
N LYS A 10 -15.74 -18.88 16.19
CA LYS A 10 -15.97 -19.49 17.49
C LYS A 10 -14.60 -19.79 18.12
N PRO A 11 -14.46 -19.52 19.42
CA PRO A 11 -13.20 -19.86 20.11
C PRO A 11 -12.85 -21.33 20.00
N SER A 12 -11.56 -21.64 19.99
CA SER A 12 -11.06 -23.01 19.93
C SER A 12 -11.43 -23.83 21.16
N GLY A 13 -11.55 -25.15 20.99
CA GLY A 13 -11.66 -26.08 22.11
C GLY A 13 -10.33 -26.32 22.83
N PHE A 14 -9.26 -25.70 22.34
CA PHE A 14 -7.95 -25.88 22.96
C PHE A 14 -7.32 -24.56 23.30
N ILE A 15 -6.28 -24.64 24.13
CA ILE A 15 -5.45 -23.52 24.51
C ILE A 15 -4.01 -23.94 24.34
N ILE A 16 -3.18 -23.05 23.81
CA ILE A 16 -1.75 -23.28 23.80
C ILE A 16 -1.12 -22.20 24.66
N ASN A 17 -0.52 -22.61 25.78
CA ASN A 17 0.03 -21.67 26.73
C ASN A 17 1.51 -21.35 26.52
N GLN A 18 2.28 -22.37 26.18
CA GLN A 18 3.72 -22.19 26.02
C GLN A 18 4.20 -22.89 24.75
N VAL A 19 5.05 -22.21 23.98
CA VAL A 19 5.72 -22.78 22.81
C VAL A 19 7.21 -22.88 23.12
N THR A 20 7.80 -24.06 23.05
CA THR A 20 9.25 -24.14 23.20
C THR A 20 9.80 -24.72 21.89
N LEU A 21 10.57 -23.91 21.16
CA LEU A 21 11.10 -24.32 19.86
C LEU A 21 12.60 -24.52 19.86
N ASN A 22 13.05 -25.50 19.09
CA ASN A 22 14.47 -25.64 18.74
C ASN A 22 14.51 -25.72 17.23
N ILE A 23 15.12 -24.73 16.60
CA ILE A 23 15.25 -24.65 15.14
C ILE A 23 16.72 -24.86 14.76
N ASN A 24 17.02 -26.06 14.23
CA ASN A 24 18.39 -26.40 13.88
C ASN A 24 18.58 -26.35 12.37
N ILE A 25 19.26 -25.30 11.91
CA ILE A 25 19.49 -25.08 10.50
C ILE A 25 20.68 -25.87 10.01
N HIS A 26 20.47 -26.70 8.99
CA HIS A 26 21.59 -27.43 8.41
C HIS A 26 21.72 -27.13 6.94
N ASP A 27 22.72 -27.71 6.28
CA ASP A 27 22.97 -27.32 4.89
C ASP A 27 21.80 -27.65 3.96
N GLN A 28 21.23 -28.83 4.11
CA GLN A 28 20.24 -29.32 3.17
CA GLN A 28 20.23 -29.31 3.16
C GLN A 28 18.83 -29.39 3.74
N GLU A 29 18.70 -29.06 5.02
CA GLU A 29 17.39 -29.14 5.68
C GLU A 29 17.43 -28.40 7.01
N THR A 30 16.25 -28.15 7.56
CA THR A 30 16.14 -27.53 8.86
C THR A 30 15.22 -28.40 9.68
N ILE A 31 15.68 -28.78 10.87
CA ILE A 31 14.92 -29.62 11.78
C ILE A 31 14.25 -28.75 12.84
N VAL A 32 12.94 -28.89 13.02
CA VAL A 32 12.23 -28.06 13.97
C VAL A 32 11.63 -28.96 15.02
N ARG A 33 12.07 -28.78 16.25
CA ARG A 33 11.48 -29.48 17.40
C ARG A 33 10.64 -28.47 18.18
N SER A 34 9.47 -28.92 18.61
CA SER A 34 8.50 -28.04 19.24
C SER A 34 7.78 -28.77 20.34
N VAL A 35 7.70 -28.16 21.51
CA VAL A 35 6.87 -28.69 22.58
C VAL A 35 5.82 -27.64 22.87
N LEU A 36 4.55 -28.03 22.81
CA LEU A 36 3.45 -27.11 23.06
C LEU A 36 2.80 -27.48 24.38
N ASP A 37 2.79 -26.56 25.35
CA ASP A 37 2.10 -26.89 26.59
C ASP A 37 0.67 -26.41 26.42
N MET A 38 -0.26 -27.36 26.49
CA MET A 38 -1.64 -27.12 26.05
C MET A 38 -2.63 -27.42 27.14
N ASP A 39 -3.85 -26.98 26.91
CA ASP A 39 -4.93 -27.24 27.85
C ASP A 39 -6.21 -27.35 27.03
N ILE A 40 -7.26 -27.80 27.70
CA ILE A 40 -8.60 -27.93 27.14
C ILE A 40 -9.40 -26.68 27.53
N SER A 41 -10.03 -26.01 26.55
CA SER A 41 -10.80 -24.79 26.82
C SER A 41 -12.23 -25.08 27.24
N LYS A 42 -12.89 -24.05 27.77
CA LYS A 42 -14.29 -24.20 28.19
C LYS A 42 -15.22 -24.50 27.00
N HIS A 43 -14.73 -24.27 25.80
CA HIS A 43 -15.52 -24.50 24.60
C HIS A 43 -15.37 -25.89 24.03
N ASN A 44 -14.47 -26.67 24.62
CA ASN A 44 -14.18 -27.99 24.11
C ASN A 44 -15.39 -28.91 24.22
N VAL A 45 -15.63 -29.72 23.18
CA VAL A 45 -16.72 -30.71 23.21
C VAL A 45 -16.21 -32.12 22.87
N GLY A 46 -14.97 -32.42 23.23
CA GLY A 46 -14.40 -33.73 22.99
C GLY A 46 -14.02 -33.97 21.54
N GLU A 47 -13.66 -32.91 20.83
CA GLU A 47 -13.31 -33.04 19.42
C GLU A 47 -11.90 -33.57 19.22
N ASP A 48 -11.62 -34.03 18.02
CA ASP A 48 -10.26 -34.35 17.60
C ASP A 48 -9.40 -33.11 17.79
N LEU A 49 -8.12 -33.35 18.11
CA LEU A 49 -7.14 -32.27 18.14
C LEU A 49 -6.59 -32.12 16.74
N VAL A 50 -6.89 -30.99 16.10
CA VAL A 50 -6.43 -30.76 14.73
C VAL A 50 -5.51 -29.58 14.68
N PHE A 51 -4.30 -29.86 14.22
CA PHE A 51 -3.30 -28.84 14.00
C PHE A 51 -3.15 -28.50 12.53
N ASP A 52 -2.95 -27.23 12.23
CA ASP A 52 -2.42 -26.84 10.95
C ASP A 52 -0.99 -27.25 10.83
N GLY A 53 -0.60 -27.74 9.65
CA GLY A 53 0.79 -28.03 9.40
C GLY A 53 0.92 -28.30 7.91
N VAL A 54 1.61 -27.41 7.20
CA VAL A 54 1.62 -27.48 5.74
C VAL A 54 3.00 -27.82 5.23
N GLY A 55 3.11 -28.93 4.50
CA GLY A 55 4.35 -29.35 3.92
C GLY A 55 5.44 -29.76 4.90
N LEU A 56 5.05 -30.24 6.07
CA LEU A 56 6.01 -30.68 7.08
C LEU A 56 6.33 -32.15 6.88
N LYS A 57 7.59 -32.55 7.04
CA LYS A 57 8.00 -33.96 7.02
C LYS A 57 8.04 -34.41 8.48
N ILE A 58 7.17 -35.34 8.87
CA ILE A 58 7.16 -35.76 10.28
C ILE A 58 8.29 -36.73 10.63
N ASN A 59 9.10 -36.38 11.62
CA ASN A 59 10.02 -37.36 12.21
C ASN A 59 9.36 -38.08 13.36
N GLU A 60 8.75 -37.32 14.26
CA GLU A 60 7.91 -37.94 15.28
C GLU A 60 6.96 -36.94 15.91
N ILE A 61 5.87 -37.46 16.49
CA ILE A 61 5.00 -36.63 17.31
C ILE A 61 4.65 -37.39 18.58
N SER A 62 4.41 -36.65 19.66
CA SER A 62 4.16 -37.27 20.94
C SER A 62 3.17 -36.46 21.72
N ILE A 63 2.53 -37.12 22.66
CA ILE A 63 1.71 -36.45 23.65
C ILE A 63 2.21 -36.93 25.01
N ASN A 64 2.58 -35.98 25.88
CA ASN A 64 3.11 -36.33 27.20
C ASN A 64 4.27 -37.34 27.11
N ASN A 65 5.11 -37.12 26.11
CA ASN A 65 6.35 -37.89 25.91
C ASN A 65 6.09 -39.33 25.53
N LYS A 66 4.86 -39.61 25.08
CA LYS A 66 4.55 -40.89 24.49
C LYS A 66 4.36 -40.72 23.00
N LYS A 67 5.18 -41.43 22.25
CA LYS A 67 5.22 -41.33 20.81
C LYS A 67 3.89 -41.79 20.21
N LEU A 68 3.32 -40.99 19.32
CA LEU A 68 2.09 -41.35 18.63
C LEU A 68 2.43 -42.07 17.35
N VAL A 69 1.52 -42.94 16.90
CA VAL A 69 1.81 -43.74 15.72
C VAL A 69 0.77 -43.46 14.65
N GLU A 70 1.26 -43.28 13.43
CA GLU A 70 0.41 -42.89 12.31
C GLU A 70 -0.65 -43.93 11.94
N GLY A 71 -1.83 -43.45 11.56
CA GLY A 71 -2.94 -44.32 11.21
C GLY A 71 -3.80 -44.65 12.41
N GLU A 72 -3.16 -45.17 13.45
CA GLU A 72 -3.86 -45.60 14.66
C GLU A 72 -4.32 -44.42 15.52
N GLU A 73 -3.40 -43.49 15.76
CA GLU A 73 -3.64 -42.39 16.69
C GLU A 73 -3.69 -41.03 16.01
N TYR A 74 -3.05 -40.89 14.85
CA TYR A 74 -3.16 -39.64 14.10
C TYR A 74 -3.12 -39.88 12.60
N THR A 75 -3.65 -38.93 11.84
CA THR A 75 -3.46 -38.87 10.40
C THR A 75 -2.87 -37.51 10.04
N TYR A 76 -2.04 -37.48 8.99
CA TYR A 76 -1.48 -36.24 8.46
C TYR A 76 -1.60 -36.23 6.92
N ASP A 77 -2.18 -35.17 6.36
CA ASP A 77 -2.44 -35.10 4.92
C ASP A 77 -1.72 -33.95 4.22
N ASN A 78 -0.64 -33.47 4.85
CA ASN A 78 0.22 -32.36 4.39
C ASN A 78 -0.43 -31.01 4.59
N GLU A 79 -1.58 -30.98 5.25
CA GLU A 79 -2.29 -29.75 5.56
C GLU A 79 -2.77 -29.71 7.01
N PHE A 80 -3.33 -30.84 7.47
CA PHE A 80 -3.86 -30.95 8.83
C PHE A 80 -3.31 -32.19 9.49
N LEU A 81 -2.88 -32.03 10.74
CA LEU A 81 -2.53 -33.16 11.60
C LEU A 81 -3.73 -33.38 12.50
N THR A 82 -4.34 -34.55 12.41
CA THR A 82 -5.52 -34.88 13.20
C THR A 82 -5.13 -35.92 14.25
N ILE A 83 -5.24 -35.58 15.53
CA ILE A 83 -5.07 -36.57 16.59
C ILE A 83 -6.43 -36.95 17.10
N PHE A 84 -6.77 -38.24 17.02
CA PHE A 84 -8.14 -38.67 17.30
C PHE A 84 -8.45 -38.45 18.77
N SER A 85 -9.66 -37.99 19.04
CA SER A 85 -10.00 -37.48 20.37
C SER A 85 -9.81 -38.50 21.48
N LYS A 86 -9.94 -39.78 21.20
CA LYS A 86 -9.69 -40.77 22.25
C LYS A 86 -8.25 -40.72 22.75
N PHE A 87 -7.35 -40.07 22.01
CA PHE A 87 -5.95 -40.00 22.40
C PHE A 87 -5.53 -38.63 22.89
N VAL A 88 -6.51 -37.73 22.93
CA VAL A 88 -6.27 -36.37 23.41
C VAL A 88 -6.58 -36.27 24.92
N PRO A 89 -5.61 -35.79 25.72
CA PRO A 89 -5.83 -35.73 27.18
C PRO A 89 -7.00 -34.81 27.55
N LYS A 90 -7.52 -34.96 28.77
CA LYS A 90 -8.68 -34.16 29.18
C LYS A 90 -8.28 -33.00 30.11
N SER A 91 -6.99 -32.90 30.43
CA SER A 91 -6.45 -31.83 31.24
CA SER A 91 -6.49 -31.76 31.18
C SER A 91 -5.16 -31.31 30.58
N LYS A 92 -4.40 -30.49 31.29
CA LYS A 92 -3.16 -29.94 30.73
C LYS A 92 -2.25 -31.06 30.22
N PHE A 93 -1.75 -30.88 29.01
CA PHE A 93 -0.84 -31.86 28.40
C PHE A 93 0.20 -31.16 27.57
N ALA A 94 1.26 -31.91 27.26
CA ALA A 94 2.31 -31.47 26.35
C ALA A 94 2.16 -32.19 25.00
N PHE A 95 2.17 -31.45 23.90
CA PHE A 95 2.27 -32.04 22.57
C PHE A 95 3.65 -31.74 22.02
N SER A 96 4.34 -32.73 21.49
CA SER A 96 5.65 -32.40 20.95
C SER A 96 5.82 -33.00 19.56
N SER A 97 6.67 -32.38 18.78
CA SER A 97 6.94 -32.91 17.45
C SER A 97 8.32 -32.54 16.95
N GLU A 98 8.80 -33.33 15.99
CA GLU A 98 10.01 -33.00 15.27
C GLU A 98 9.70 -33.14 13.80
N VAL A 99 9.93 -32.06 13.05
CA VAL A 99 9.65 -32.05 11.62
C VAL A 99 10.85 -31.52 10.88
N ILE A 100 10.88 -31.83 9.59
CA ILE A 100 11.93 -31.35 8.73
C ILE A 100 11.30 -30.42 7.67
N ILE A 101 11.93 -29.26 7.49
CA ILE A 101 11.51 -28.29 6.46
C ILE A 101 12.76 -27.89 5.67
N HIS A 102 12.54 -27.21 4.53
CA HIS A 102 13.63 -26.95 3.59
C HIS A 102 13.64 -25.50 3.10
N PRO A 103 14.18 -24.60 3.91
CA PRO A 103 14.11 -23.18 3.53
C PRO A 103 14.83 -22.85 2.20
N GLU A 104 15.86 -23.63 1.84
CA GLU A 104 16.66 -23.34 0.63
C GLU A 104 15.77 -23.32 -0.60
N THR A 105 14.78 -24.20 -0.65
CA THR A 105 13.97 -24.30 -1.88
C THR A 105 12.57 -23.72 -1.71
N ASN A 106 12.38 -22.94 -0.64
CA ASN A 106 11.10 -22.33 -0.37
C ASN A 106 11.00 -20.98 -1.09
N TYR A 107 10.68 -21.04 -2.38
CA TYR A 107 10.63 -19.85 -3.22
C TYR A 107 9.36 -19.05 -3.13
N ALA A 108 8.40 -19.56 -2.36
CA ALA A 108 7.15 -18.84 -2.14
C ALA A 108 7.28 -17.74 -1.07
N LEU A 109 8.38 -17.83 -0.30
CA LEU A 109 8.75 -16.78 0.67
C LEU A 109 7.71 -16.63 1.77
N THR A 110 7.12 -17.77 2.16
CA THR A 110 6.21 -17.80 3.31
C THR A 110 6.67 -18.96 4.19
N GLY A 111 6.55 -18.81 5.50
CA GLY A 111 7.16 -19.84 6.33
C GLY A 111 8.63 -19.49 6.58
N LEU A 112 9.49 -20.51 6.67
CA LEU A 112 10.93 -20.26 6.81
C LEU A 112 11.60 -20.40 5.43
N TYR A 113 12.39 -19.40 5.04
CA TYR A 113 12.98 -19.44 3.71
C TYR A 113 14.36 -18.80 3.66
N LYS A 114 15.05 -19.00 2.56
CA LYS A 114 16.39 -18.49 2.39
C LYS A 114 16.32 -17.39 1.33
N SER A 115 16.82 -16.21 1.69
CA SER A 115 16.88 -15.06 0.80
C SER A 115 18.35 -14.74 0.64
N LYS A 116 18.92 -15.13 -0.50
CA LYS A 116 20.36 -15.04 -0.71
C LYS A 116 21.03 -15.88 0.38
N ASN A 117 21.85 -15.27 1.25
CA ASN A 117 22.47 -16.06 2.31
C ASN A 117 21.88 -15.78 3.70
N ILE A 118 20.66 -15.28 3.74
CA ILE A 118 19.97 -15.04 5.02
C ILE A 118 18.79 -15.99 5.18
N ILE A 119 18.70 -16.66 6.32
CA ILE A 119 17.52 -17.46 6.63
C ILE A 119 16.51 -16.56 7.32
N VAL A 120 15.24 -16.53 6.87
CA VAL A 120 14.31 -15.57 7.41
C VAL A 120 12.89 -16.16 7.40
N SER A 121 12.03 -15.71 8.31
CA SER A 121 10.65 -16.22 8.32
C SER A 121 9.67 -15.16 7.85
N GLN A 122 8.53 -15.61 7.36
CA GLN A 122 7.37 -14.74 7.19
C GLN A 122 6.12 -15.53 7.57
N CYS A 123 5.51 -15.17 8.69
CA CYS A 123 4.43 -16.00 9.21
C CYS A 123 3.03 -15.40 9.01
N GLU A 124 2.91 -14.07 8.88
CA GLU A 124 1.57 -13.54 8.60
C GLU A 124 1.15 -13.95 7.18
N ALA A 125 -0.08 -14.40 6.94
CA ALA A 125 -1.12 -14.61 7.94
C ALA A 125 -1.06 -16.01 8.55
N THR A 126 -0.93 -17.03 7.69
CA THR A 126 -0.98 -18.42 8.16
C THR A 126 0.26 -19.15 7.68
N GLY A 127 1.41 -18.49 7.84
CA GLY A 127 2.70 -19.08 7.50
C GLY A 127 3.36 -19.85 8.65
N PHE A 128 2.96 -19.65 9.91
CA PHE A 128 3.65 -20.35 10.99
C PHE A 128 3.47 -21.87 10.85
N ARG A 129 2.31 -22.28 10.32
CA ARG A 129 2.03 -23.71 10.09
C ARG A 129 2.97 -24.36 9.05
N ARG A 130 3.72 -23.56 8.30
CA ARG A 130 4.75 -24.06 7.38
C ARG A 130 6.09 -24.32 8.09
N ILE A 131 6.16 -23.95 9.37
CA ILE A 131 7.36 -24.13 10.18
C ILE A 131 7.19 -25.27 11.20
N THR A 132 6.03 -25.31 11.84
CA THR A 132 5.73 -26.40 12.74
C THR A 132 4.23 -26.48 12.94
N PHE A 133 3.79 -27.54 13.61
CA PHE A 133 2.37 -27.71 13.89
C PHE A 133 1.82 -26.68 14.85
N PHE A 134 0.63 -26.16 14.55
CA PHE A 134 0.07 -25.17 15.47
C PHE A 134 -1.43 -25.03 15.20
N ILE A 135 -2.17 -24.47 16.15
CA ILE A 135 -3.51 -24.03 15.80
C ILE A 135 -3.37 -22.58 15.34
N ASP A 136 -3.25 -22.41 14.02
CA ASP A 136 -2.63 -21.23 13.42
C ASP A 136 -3.69 -20.17 13.15
N ARG A 137 -4.02 -19.42 14.18
CA ARG A 137 -5.06 -18.39 14.13
C ARG A 137 -4.70 -17.41 15.25
N PRO A 138 -5.00 -16.12 15.06
CA PRO A 138 -4.40 -15.11 15.95
C PRO A 138 -5.01 -15.04 17.32
N ASP A 139 -6.12 -15.72 17.59
CA ASP A 139 -6.60 -15.70 18.97
C ASP A 139 -5.98 -16.79 19.85
N MET A 140 -5.03 -17.52 19.31
CA MET A 140 -4.35 -18.59 20.07
C MET A 140 -3.04 -18.01 20.61
N MET A 141 -3.15 -17.27 21.71
CA MET A 141 -2.00 -16.51 22.21
C MET A 141 -1.19 -17.36 23.16
N ALA A 142 0.15 -17.24 23.06
CA ALA A 142 1.04 -18.11 23.80
C ALA A 142 2.36 -17.41 24.11
N LYS A 143 3.08 -17.95 25.08
CA LYS A 143 4.45 -17.55 25.39
C LYS A 143 5.42 -18.36 24.52
N TYR A 144 6.55 -17.77 24.16
CA TYR A 144 7.52 -18.39 23.24
C TYR A 144 8.91 -18.44 23.82
N ASP A 145 9.55 -19.61 23.74
CA ASP A 145 10.91 -19.83 24.21
C ASP A 145 11.60 -20.48 23.02
N VAL A 146 12.51 -19.78 22.36
CA VAL A 146 12.99 -20.21 21.05
C VAL A 146 14.50 -20.34 21.00
N THR A 147 14.99 -21.51 20.63
CA THR A 147 16.40 -21.73 20.42
C THR A 147 16.67 -21.96 18.93
N VAL A 148 17.66 -21.25 18.41
CA VAL A 148 18.08 -21.41 17.02
C VAL A 148 19.54 -21.86 16.99
N THR A 149 19.84 -22.88 16.19
CA THR A 149 21.25 -23.29 16.05
C THR A 149 21.62 -23.32 14.57
N ALA A 150 22.90 -23.11 14.27
CA ALA A 150 23.36 -22.99 12.89
C ALA A 150 24.88 -23.04 12.81
N ASP A 151 25.38 -23.25 11.60
CA ASP A 151 26.82 -23.08 11.32
C ASP A 151 27.27 -21.66 11.66
N LYS A 152 28.33 -21.53 12.46
CA LYS A 152 28.70 -20.20 12.95
C LYS A 152 29.27 -19.32 11.87
N GLU A 153 30.10 -19.89 11.00
CA GLU A 153 30.69 -19.12 9.92
C GLU A 153 29.62 -18.57 8.97
N LYS A 154 28.64 -19.38 8.56
CA LYS A 154 27.60 -18.88 7.64
C LYS A 154 26.57 -18.01 8.32
N TYR A 155 26.27 -18.31 9.58
CA TYR A 155 25.16 -17.67 10.27
C TYR A 155 25.55 -17.12 11.65
N PRO A 156 26.45 -16.13 11.70
CA PRO A 156 26.93 -15.67 13.00
C PRO A 156 25.91 -14.87 13.79
N VAL A 157 24.96 -14.26 13.09
CA VAL A 157 23.91 -13.49 13.75
C VAL A 157 22.62 -14.28 13.79
N LEU A 158 22.13 -14.53 15.01
CA LEU A 158 20.88 -15.27 15.24
C LEU A 158 19.91 -14.36 15.98
N LEU A 159 18.70 -14.22 15.47
CA LEU A 159 17.68 -13.39 16.10
C LEU A 159 16.33 -14.08 16.17
N SER A 160 15.62 -13.87 17.27
CA SER A 160 14.19 -14.15 17.30
C SER A 160 13.51 -13.10 18.20
N ASN A 161 12.24 -13.27 18.49
CA ASN A 161 11.55 -12.37 19.40
C ASN A 161 12.01 -12.50 20.86
N GLY A 162 11.92 -11.41 21.62
CA GLY A 162 12.13 -11.45 23.06
C GLY A 162 13.59 -11.19 23.41
N ASP A 163 13.99 -11.53 24.63
CA ASP A 163 15.37 -11.30 25.09
C ASP A 163 16.26 -12.48 24.78
N LYS A 164 17.46 -12.18 24.26
CA LYS A 164 18.45 -13.23 24.08
C LYS A 164 18.98 -13.58 25.46
N VAL A 165 18.74 -14.80 25.92
CA VAL A 165 19.10 -15.18 27.29
C VAL A 165 20.26 -16.16 27.35
N ASN A 166 20.57 -16.80 26.23
CA ASN A 166 21.78 -17.61 26.16
C ASN A 166 22.41 -17.67 24.75
N GLU A 167 23.73 -17.80 24.71
CA GLU A 167 24.48 -18.01 23.47
C GLU A 167 25.48 -19.10 23.77
N PHE A 168 25.64 -20.07 22.89
CA PHE A 168 26.53 -21.17 23.22
C PHE A 168 27.17 -21.79 21.99
N GLU A 169 28.30 -22.44 22.22
CA GLU A 169 29.02 -23.15 21.17
C GLU A 169 28.54 -24.59 21.07
N ILE A 170 28.59 -25.13 19.85
CA ILE A 170 28.17 -26.49 19.56
C ILE A 170 29.28 -27.16 18.75
N PRO A 171 29.60 -28.43 19.07
CA PRO A 171 30.60 -29.16 18.29
C PRO A 171 30.37 -29.10 16.78
N GLY A 172 31.46 -29.07 16.02
CA GLY A 172 31.37 -29.09 14.58
C GLY A 172 31.15 -27.73 13.96
N GLY A 173 31.61 -26.68 14.62
CA GLY A 173 31.55 -25.34 14.06
C GLY A 173 30.17 -24.71 14.13
N ARG A 174 29.30 -25.22 15.02
CA ARG A 174 27.94 -24.69 15.15
C ARG A 174 27.81 -23.82 16.40
N HIS A 175 26.69 -23.11 16.51
CA HIS A 175 26.44 -22.26 17.68
C HIS A 175 24.95 -22.05 17.78
N GLY A 176 24.50 -21.67 18.98
CA GLY A 176 23.08 -21.49 19.25
C GLY A 176 22.83 -20.20 20.00
N ALA A 177 21.58 -19.72 19.94
CA ALA A 177 21.11 -18.63 20.78
C ALA A 177 19.71 -18.98 21.22
N ARG A 178 19.41 -18.67 22.47
CA ARG A 178 18.09 -18.85 23.05
C ARG A 178 17.44 -17.50 23.32
N PHE A 179 16.19 -17.39 22.89
CA PHE A 179 15.38 -16.17 22.99
C PHE A 179 14.13 -16.48 23.80
N ASN A 180 13.92 -15.79 24.92
CA ASN A 180 12.68 -15.97 25.67
C ASN A 180 11.82 -14.76 25.58
N ASP A 181 10.56 -14.95 25.18
CA ASP A 181 9.62 -13.84 24.95
C ASP A 181 8.36 -14.11 25.81
N PRO A 182 8.40 -13.68 27.08
CA PRO A 182 7.29 -14.02 27.98
C PRO A 182 5.91 -13.43 27.64
N PRO A 183 5.78 -12.19 27.13
CA PRO A 183 4.44 -11.68 26.84
C PRO A 183 3.69 -12.52 25.80
N LEU A 184 2.41 -12.77 26.02
CA LEU A 184 1.62 -13.53 25.03
C LEU A 184 1.65 -12.87 23.66
N LYS A 185 1.66 -13.70 22.60
CA LYS A 185 1.50 -13.16 21.24
C LYS A 185 0.88 -14.23 20.35
N PRO A 186 0.23 -13.79 19.27
CA PRO A 186 -0.23 -14.72 18.22
C PRO A 186 0.96 -15.21 17.39
N CYS A 187 0.83 -16.37 16.78
CA CYS A 187 1.97 -17.01 16.11
C CYS A 187 2.36 -16.26 14.84
N TYR A 188 1.48 -15.42 14.29
CA TYR A 188 1.89 -14.72 13.08
C TYR A 188 2.94 -13.65 13.36
N LEU A 189 3.18 -13.34 14.63
CA LEU A 189 4.19 -12.36 15.01
C LEU A 189 5.52 -13.01 15.41
N PHE A 190 5.58 -14.34 15.38
CA PHE A 190 6.85 -15.06 15.54
C PHE A 190 7.77 -14.72 14.38
N ALA A 191 9.06 -14.55 14.68
CA ALA A 191 10.03 -14.49 13.59
C ALA A 191 11.37 -15.03 14.02
N VAL A 192 12.15 -15.44 13.03
CA VAL A 192 13.53 -15.85 13.26
C VAL A 192 14.35 -15.40 12.06
N VAL A 193 15.60 -15.02 12.31
CA VAL A 193 16.54 -14.61 11.27
C VAL A 193 17.89 -15.18 11.56
N ALA A 194 18.59 -15.70 10.56
CA ALA A 194 19.98 -16.14 10.77
C ALA A 194 20.79 -15.65 9.58
N GLY A 195 21.95 -15.04 9.82
CA GLY A 195 22.79 -14.63 8.73
C GLY A 195 24.06 -13.94 9.12
N ASP A 196 24.89 -13.63 8.13
CA ASP A 196 26.11 -12.86 8.36
C ASP A 196 25.72 -11.39 8.24
N LEU A 197 24.97 -10.89 9.22
CA LEU A 197 24.42 -9.55 9.17
C LEU A 197 25.36 -8.53 9.76
N LYS A 198 25.34 -7.34 9.18
CA LYS A 198 26.09 -6.19 9.72
C LYS A 198 25.04 -5.17 10.14
N HIS A 199 25.41 -4.25 11.01
CA HIS A 199 24.40 -3.36 11.59
C HIS A 199 24.88 -1.95 11.89
N LEU A 200 23.90 -1.07 12.04
CA LEU A 200 24.07 0.20 12.73
C LEU A 200 23.20 0.12 13.98
N SER A 201 23.59 0.82 15.05
CA SER A 201 22.75 0.81 16.23
C SER A 201 22.73 2.17 16.90
N ALA A 202 21.74 2.34 17.77
CA ALA A 202 21.64 3.57 18.56
C ALA A 202 20.82 3.29 19.82
N THR A 203 20.84 4.22 20.77
CA THR A 203 20.05 4.03 21.98
C THR A 203 19.00 5.12 22.04
N TYR A 204 17.76 4.76 22.28
CA TYR A 204 16.67 5.71 22.36
C TYR A 204 16.17 5.74 23.80
N ILE A 205 15.93 6.92 24.36
CA ILE A 205 15.46 6.98 25.75
C ILE A 205 14.00 7.46 25.71
N THR A 206 13.08 6.69 26.27
CA THR A 206 11.66 7.00 26.11
C THR A 206 11.27 8.25 26.90
N LYS A 207 10.21 8.90 26.44
CA LYS A 207 9.85 10.23 26.90
C LYS A 207 9.44 10.28 28.38
N TYR A 208 8.70 9.28 28.86
CA TYR A 208 8.10 9.39 30.18
C TYR A 208 8.73 8.46 31.21
N THR A 209 8.85 7.18 30.84
CA THR A 209 9.42 6.19 31.74
C THR A 209 10.95 6.24 31.70
N LYS A 210 11.50 6.91 30.68
CA LYS A 210 12.94 7.09 30.51
C LYS A 210 13.67 5.75 30.42
N LYS A 211 13.01 4.78 29.80
CA LYS A 211 13.61 3.49 29.50
C LYS A 211 14.58 3.62 28.32
N LYS A 212 15.73 2.98 28.46
CA LYS A 212 16.68 2.86 27.35
C LYS A 212 16.27 1.74 26.40
N VAL A 213 16.09 2.06 25.13
CA VAL A 213 15.78 1.06 24.12
C VAL A 213 16.94 0.98 23.15
N GLU A 214 17.43 -0.24 22.93
CA GLU A 214 18.48 -0.44 21.93
C GLU A 214 17.86 -0.64 20.57
N LEU A 215 18.31 0.14 19.59
CA LEU A 215 17.81 0.07 18.22
C LEU A 215 18.91 -0.51 17.32
N TYR A 216 18.58 -1.59 16.58
CA TYR A 216 19.51 -2.18 15.63
C TYR A 216 18.90 -2.27 14.25
N VAL A 217 19.66 -1.89 13.23
CA VAL A 217 19.19 -2.04 11.83
C VAL A 217 20.25 -2.90 11.13
N PHE A 218 19.78 -3.95 10.44
CA PHE A 218 20.70 -4.97 9.90
C PHE A 218 20.54 -5.09 8.40
N SER A 219 21.65 -5.36 7.73
CA SER A 219 21.62 -5.81 6.34
C SER A 219 22.79 -6.75 6.06
N GLU A 220 22.80 -7.34 4.87
CA GLU A 220 24.03 -7.99 4.42
C GLU A 220 25.18 -6.96 4.38
N GLU A 221 26.40 -7.45 4.51
CA GLU A 221 27.58 -6.60 4.60
C GLU A 221 27.73 -5.61 3.45
N LYS A 222 27.39 -6.05 2.24
CA LYS A 222 27.59 -5.24 1.05
C LYS A 222 26.84 -3.90 1.14
N TYR A 223 25.72 -3.90 1.86
CA TYR A 223 24.81 -2.75 1.82
C TYR A 223 24.68 -2.04 3.17
N VAL A 224 25.60 -2.33 4.09
CA VAL A 224 25.49 -1.77 5.42
C VAL A 224 25.58 -0.21 5.39
N SER A 225 26.22 0.37 4.39
CA SER A 225 26.25 1.83 4.29
C SER A 225 24.90 2.45 3.90
N LYS A 226 23.89 1.62 3.62
CA LYS A 226 22.58 2.16 3.24
C LYS A 226 21.57 2.12 4.39
N LEU A 227 22.04 1.90 5.63
CA LEU A 227 21.13 1.70 6.75
C LEU A 227 20.78 2.98 7.53
N GLN A 228 21.48 4.08 7.26
CA GLN A 228 21.42 5.24 8.16
C GLN A 228 20.05 5.90 8.19
N TRP A 229 19.42 6.07 7.03
CA TRP A 229 18.15 6.77 7.01
C TRP A 229 17.08 5.97 7.77
N ALA A 230 17.06 4.63 7.61
CA ALA A 230 16.13 3.79 8.35
C ALA A 230 16.22 4.00 9.87
N LEU A 231 17.45 4.06 10.38
CA LEU A 231 17.66 4.29 11.82
C LEU A 231 17.07 5.63 12.23
N GLU A 232 17.32 6.66 11.41
CA GLU A 232 16.74 7.99 11.69
C GLU A 232 15.22 7.94 11.68
N CYS A 233 14.65 7.22 10.71
CA CYS A 233 13.20 7.11 10.61
C CYS A 233 12.64 6.40 11.83
N LEU A 234 13.34 5.38 12.33
CA LEU A 234 12.83 4.65 13.50
C LEU A 234 12.80 5.57 14.72
N LYS A 235 13.85 6.36 14.90
CA LYS A 235 13.86 7.34 15.98
C LYS A 235 12.69 8.30 15.84
N LYS A 236 12.46 8.76 14.62
CA LYS A 236 11.34 9.69 14.37
C LYS A 236 9.99 9.07 14.70
N SER A 237 9.83 7.80 14.34
CA SER A 237 8.58 7.07 14.57
C SER A 237 8.29 6.97 16.06
N MET A 238 9.31 6.57 16.81
CA MET A 238 9.18 6.47 18.26
C MET A 238 8.76 7.80 18.88
N ALA A 239 9.38 8.89 18.42
CA ALA A 239 9.05 10.20 18.99
C ALA A 239 7.62 10.60 18.65
N PHE A 240 7.19 10.28 17.43
CA PHE A 240 5.86 10.68 17.02
C PHE A 240 4.80 9.93 17.81
N ASP A 241 4.95 8.63 18.03
CA ASP A 241 3.96 7.92 18.85
C ASP A 241 3.95 8.51 20.27
N GLU A 242 5.13 8.84 20.80
CA GLU A 242 5.18 9.50 22.10
C GLU A 242 4.45 10.85 22.10
N ASP A 243 4.70 11.66 21.08
CA ASP A 243 4.27 13.04 21.09
C ASP A 243 2.78 13.20 20.75
N TYR A 244 2.30 12.49 19.72
CA TYR A 244 0.92 12.59 19.31
C TYR A 244 0.03 11.71 20.21
N PHE A 245 0.46 10.47 20.44
CA PHE A 245 -0.42 9.49 21.11
C PHE A 245 -0.02 9.16 22.55
N GLY A 246 1.11 9.69 23.01
CA GLY A 246 1.57 9.43 24.36
C GLY A 246 1.97 7.98 24.61
N LEU A 247 2.38 7.29 23.55
CA LEU A 247 2.71 5.87 23.60
C LEU A 247 4.21 5.63 23.51
N GLU A 248 4.76 4.92 24.49
CA GLU A 248 6.17 4.53 24.50
C GLU A 248 6.37 3.06 24.16
N TYR A 249 7.52 2.78 23.55
CA TYR A 249 7.94 1.40 23.33
C TYR A 249 8.19 0.69 24.66
N ASP A 250 7.73 -0.57 24.76
CA ASP A 250 7.72 -1.35 26.00
C ASP A 250 8.87 -2.35 26.15
N LEU A 251 9.65 -2.55 25.08
CA LEU A 251 10.70 -3.57 25.07
C LEU A 251 12.12 -2.99 25.10
N SER A 252 13.08 -3.83 25.44
CA SER A 252 14.48 -3.38 25.62
C SER A 252 15.18 -3.08 24.29
N ARG A 253 14.68 -3.70 23.25
CA ARG A 253 15.40 -3.73 21.98
C ARG A 253 14.41 -3.85 20.85
N LEU A 254 14.71 -3.18 19.74
CA LEU A 254 13.98 -3.30 18.50
C LEU A 254 14.95 -3.51 17.34
N ASN A 255 14.80 -4.61 16.63
CA ASN A 255 15.67 -4.92 15.48
C ASN A 255 14.90 -4.74 14.19
N LEU A 256 15.53 -4.09 13.20
CA LEU A 256 14.97 -4.02 11.82
C LEU A 256 15.94 -4.73 10.92
N VAL A 257 15.45 -5.57 10.03
CA VAL A 257 16.34 -6.41 9.20
C VAL A 257 15.89 -6.34 7.74
N ALA A 258 16.81 -5.98 6.84
CA ALA A 258 16.52 -6.00 5.38
C ALA A 258 16.86 -7.32 4.72
N VAL A 259 15.94 -7.86 3.92
CA VAL A 259 16.24 -9.03 3.11
C VAL A 259 15.89 -8.71 1.64
N SER A 260 16.57 -9.38 0.73
CA SER A 260 16.44 -9.10 -0.70
C SER A 260 15.15 -9.67 -1.31
N ASP A 261 14.67 -10.79 -0.76
CA ASP A 261 13.51 -11.48 -1.33
C ASP A 261 12.34 -11.39 -0.36
N PHE A 262 11.31 -10.64 -0.73
CA PHE A 262 10.20 -10.41 0.19
C PHE A 262 8.94 -10.19 -0.61
N ASN A 263 7.83 -10.79 -0.20
CA ASN A 263 6.62 -10.64 -1.01
C ASN A 263 6.00 -9.24 -0.99
N VAL A 264 6.18 -8.49 0.10
CA VAL A 264 5.54 -7.18 0.24
C VAL A 264 6.58 -6.14 0.69
N GLY A 265 6.17 -5.13 1.45
CA GLY A 265 7.11 -4.10 1.93
C GLY A 265 7.86 -4.45 3.22
N ALA A 266 7.11 -4.84 4.24
CA ALA A 266 7.73 -5.23 5.54
C ALA A 266 6.69 -5.86 6.45
N MET A 267 7.18 -6.36 7.58
CA MET A 267 6.36 -7.16 8.49
C MET A 267 6.68 -6.80 9.94
N GLU A 268 5.65 -6.67 10.79
CA GLU A 268 5.84 -6.12 12.12
C GLU A 268 6.15 -7.17 13.24
N ASN A 269 6.91 -8.23 12.94
CA ASN A 269 7.18 -9.21 13.98
C ASN A 269 7.72 -8.55 15.23
N LYS A 270 7.23 -8.96 16.40
CA LYS A 270 7.49 -8.18 17.63
C LYS A 270 8.99 -8.12 17.94
N GLY A 271 9.54 -6.90 18.01
CA GLY A 271 10.93 -6.65 18.29
C GLY A 271 11.86 -7.02 17.16
N LEU A 272 11.30 -7.52 16.06
CA LEU A 272 12.11 -8.07 14.96
C LEU A 272 11.41 -7.80 13.61
N ASN A 273 11.35 -6.53 13.25
CA ASN A 273 10.63 -6.16 12.04
C ASN A 273 11.48 -6.51 10.82
N ILE A 274 10.87 -7.16 9.83
CA ILE A 274 11.63 -7.66 8.69
C ILE A 274 11.12 -6.93 7.45
N PHE A 275 12.06 -6.46 6.63
CA PHE A 275 11.79 -5.51 5.54
C PHE A 275 12.25 -6.07 4.20
N ASN A 276 11.44 -5.89 3.15
CA ASN A 276 11.99 -5.77 1.81
C ASN A 276 13.13 -4.76 1.80
N ALA A 277 14.30 -5.16 1.30
CA ALA A 277 15.44 -4.23 1.26
C ALA A 277 15.04 -2.92 0.56
N ASN A 278 14.13 -3.01 -0.42
CA ASN A 278 13.78 -1.74 -1.08
C ASN A 278 12.98 -0.78 -0.19
N SER A 279 12.56 -1.23 1.00
CA SER A 279 11.79 -0.36 1.89
C SER A 279 12.55 -0.09 3.20
N LEU A 280 13.83 -0.45 3.22
CA LEU A 280 14.69 -0.16 4.37
C LEU A 280 16.02 0.51 3.97
N LEU A 281 16.58 0.16 2.82
CA LEU A 281 17.92 0.63 2.46
C LEU A 281 17.93 1.76 1.44
N ALA A 282 18.76 2.77 1.68
CA ALA A 282 18.95 3.81 0.67
C ALA A 282 20.29 4.50 0.87
N SER A 283 20.80 5.09 -0.19
CA SER A 283 21.84 6.10 -0.04
C SER A 283 21.67 7.09 -1.16
N LYS A 284 22.23 8.27 -1.00
CA LYS A 284 21.92 9.31 -1.96
C LYS A 284 22.54 9.00 -3.34
N LYS A 285 23.63 8.24 -3.36
CA LYS A 285 24.28 7.93 -4.64
C LYS A 285 23.57 6.80 -5.36
N ASN A 286 22.91 5.94 -4.59
CA ASN A 286 22.39 4.69 -5.11
C ASN A 286 20.90 4.50 -4.99
N SER A 287 20.12 5.56 -4.71
CA SER A 287 18.68 5.43 -4.55
C SER A 287 18.00 6.60 -5.20
N ILE A 288 16.85 6.37 -5.84
CA ILE A 288 16.02 7.50 -6.25
C ILE A 288 15.33 8.15 -5.05
N ASP A 289 14.87 9.39 -5.26
CA ASP A 289 14.26 10.18 -4.18
C ASP A 289 13.10 9.46 -3.49
N PHE A 290 12.30 8.74 -4.24
CA PHE A 290 11.12 8.07 -3.69
CA PHE A 290 11.14 8.00 -3.75
C PHE A 290 11.51 7.11 -2.57
N SER A 291 12.73 6.56 -2.61
CA SER A 291 13.17 5.69 -1.53
C SER A 291 13.03 6.33 -0.15
N TYR A 292 13.23 7.64 -0.05
CA TYR A 292 13.31 8.26 1.28
C TYR A 292 11.94 8.34 1.95
N ALA A 293 10.91 8.76 1.20
CA ALA A 293 9.56 8.73 1.75
C ALA A 293 9.12 7.29 1.97
N ARG A 294 9.55 6.39 1.09
CA ARG A 294 9.15 4.98 1.26
C ARG A 294 9.63 4.41 2.57
N ILE A 295 10.93 4.56 2.83
CA ILE A 295 11.53 4.04 4.07
C ILE A 295 10.88 4.71 5.28
N LEU A 296 10.65 6.01 5.20
CA LEU A 296 10.01 6.70 6.32
C LEU A 296 8.62 6.07 6.60
N THR A 297 7.84 5.86 5.54
CA THR A 297 6.52 5.29 5.61
C THR A 297 6.54 3.88 6.17
N VAL A 298 7.43 3.05 5.63
CA VAL A 298 7.40 1.64 5.99
C VAL A 298 8.01 1.38 7.39
N VAL A 299 9.13 2.03 7.72
CA VAL A 299 9.62 1.95 9.11
C VAL A 299 8.55 2.46 10.07
N GLY A 300 7.95 3.61 9.76
CA GLY A 300 6.90 4.11 10.64
C GLY A 300 5.74 3.13 10.78
N HIS A 301 5.23 2.63 9.64
CA HIS A 301 4.14 1.67 9.65
C HIS A 301 4.44 0.48 10.58
N GLU A 302 5.61 -0.15 10.42
CA GLU A 302 5.86 -1.36 11.23
C GLU A 302 5.98 -0.96 12.71
N TYR A 303 6.55 0.21 12.98
CA TYR A 303 6.72 0.63 14.37
C TYR A 303 5.34 0.87 15.02
N PHE A 304 4.42 1.53 14.30
CA PHE A 304 3.10 1.86 14.86
C PHE A 304 2.28 0.61 15.12
N HIS A 305 2.60 -0.49 14.43
CA HIS A 305 1.95 -1.77 14.74
C HIS A 305 2.26 -2.26 16.16
N GLN A 306 3.33 -1.76 16.79
CA GLN A 306 3.64 -2.35 18.10
C GLN A 306 2.46 -2.14 19.07
N TYR A 307 1.77 -0.99 18.96
CA TYR A 307 0.45 -0.89 19.61
C TYR A 307 -0.72 -1.42 18.79
N THR A 308 -0.85 -0.94 17.55
CA THR A 308 -2.06 -1.26 16.78
C THR A 308 -1.79 -2.49 15.92
N GLY A 309 -1.84 -3.65 16.59
CA GLY A 309 -1.63 -4.93 15.90
C GLY A 309 -0.90 -5.91 16.82
N ASN A 310 0.10 -5.41 17.54
CA ASN A 310 0.93 -6.32 18.37
C ASN A 310 0.41 -6.32 19.81
N ARG A 311 0.41 -5.17 20.46
CA ARG A 311 -0.08 -5.12 21.86
C ARG A 311 -1.62 -5.27 21.89
N VAL A 312 -2.32 -4.62 20.96
CA VAL A 312 -3.73 -4.91 20.71
C VAL A 312 -3.80 -5.68 19.40
N THR A 313 -4.17 -6.95 19.44
CA THR A 313 -4.10 -7.76 18.23
C THR A 313 -5.51 -8.13 17.74
N LEU A 314 -5.57 -9.07 16.80
CA LEU A 314 -6.84 -9.40 16.14
C LEU A 314 -7.49 -10.66 16.70
N ARG A 315 -8.81 -10.63 16.84
CA ARG A 315 -9.52 -11.84 17.21
C ARG A 315 -9.45 -12.91 16.13
N ASP A 316 -9.50 -12.46 14.89
CA ASP A 316 -9.58 -13.33 13.72
C ASP A 316 -9.19 -12.51 12.50
N TRP A 317 -8.94 -13.16 11.36
CA TRP A 317 -8.45 -12.42 10.20
C TRP A 317 -9.44 -11.49 9.52
N PHE A 318 -10.73 -11.66 9.80
CA PHE A 318 -11.72 -10.73 9.25
C PHE A 318 -11.55 -9.35 9.87
N GLN A 319 -10.88 -9.28 11.03
CA GLN A 319 -10.57 -7.97 11.62
C GLN A 319 -9.32 -7.31 11.06
N LEU A 320 -8.79 -7.81 9.94
CA LEU A 320 -7.49 -7.29 9.45
C LEU A 320 -7.42 -5.74 9.36
N THR A 321 -8.48 -5.11 8.88
CA THR A 321 -8.44 -3.66 8.72
C THR A 321 -8.32 -2.92 10.09
N LEU A 322 -8.76 -3.57 11.15
CA LEU A 322 -8.56 -2.98 12.49
C LEU A 322 -7.08 -2.71 12.79
N LYS A 323 -6.18 -3.61 12.37
CA LYS A 323 -4.77 -3.28 12.55
C LYS A 323 -4.18 -2.61 11.31
N GLU A 324 -4.63 -2.95 10.09
CA GLU A 324 -3.95 -2.37 8.92
C GLU A 324 -4.48 -1.00 8.55
N GLY A 325 -5.80 -0.85 8.49
CA GLY A 325 -6.36 0.48 8.26
C GLY A 325 -5.92 1.49 9.32
N LEU A 326 -5.89 1.07 10.57
CA LEU A 326 -5.53 1.97 11.66
C LEU A 326 -4.01 2.29 11.62
N THR A 327 -3.19 1.31 11.28
CA THR A 327 -1.76 1.55 11.23
C THR A 327 -1.38 2.39 10.00
N VAL A 328 -2.05 2.20 8.86
CA VAL A 328 -1.83 3.10 7.69
C VAL A 328 -2.21 4.54 8.08
N HIS A 329 -3.31 4.69 8.81
CA HIS A 329 -3.75 6.02 9.24
C HIS A 329 -2.69 6.64 10.17
N ARG A 330 -2.19 5.86 11.13
CA ARG A 330 -1.14 6.37 12.01
C ARG A 330 0.10 6.74 11.22
N GLU A 331 0.47 5.89 10.25
CA GLU A 331 1.64 6.19 9.38
C GLU A 331 1.42 7.46 8.55
N ASN A 332 0.21 7.65 8.05
CA ASN A 332 -0.08 8.89 7.31
C ASN A 332 0.01 10.14 8.16
N LEU A 333 -0.54 10.12 9.39
CA LEU A 333 -0.36 11.24 10.33
C LEU A 333 1.11 11.53 10.54
N PHE A 334 1.88 10.46 10.71
CA PHE A 334 3.31 10.58 10.95
C PHE A 334 4.02 11.18 9.75
N SER A 335 3.76 10.63 8.56
CA SER A 335 4.48 11.12 7.40
CA SER A 335 4.44 11.10 7.35
C SER A 335 4.07 12.55 7.04
N GLU A 336 2.79 12.90 7.25
CA GLU A 336 2.39 14.30 7.01
C GLU A 336 3.15 15.25 7.92
N GLU A 337 3.29 14.87 9.19
CA GLU A 337 4.02 15.71 10.13
C GLU A 337 5.53 15.78 9.80
N MET A 338 6.11 14.69 9.32
CA MET A 338 7.56 14.67 9.09
C MET A 338 7.98 15.40 7.83
N THR A 339 7.12 15.31 6.79
CA THR A 339 7.48 15.88 5.50
C THR A 339 7.13 17.35 5.40
N LYS A 340 6.04 17.75 6.09
CA LYS A 340 5.55 19.13 6.06
C LYS A 340 5.28 19.60 4.62
N THR A 341 4.83 18.67 3.78
CA THR A 341 4.50 19.00 2.40
CA THR A 341 4.48 19.08 2.45
C THR A 341 3.06 18.59 2.12
N VAL A 342 2.30 19.41 1.42
CA VAL A 342 0.90 19.01 1.13
C VAL A 342 0.87 17.82 0.18
N THR A 343 1.95 17.58 -0.56
CA THR A 343 1.90 16.47 -1.51
C THR A 343 1.85 15.10 -0.84
N THR A 344 2.23 15.00 0.43
CA THR A 344 2.07 13.75 1.14
C THR A 344 0.59 13.26 1.20
N ARG A 345 -0.32 14.11 1.68
CA ARG A 345 -1.74 13.76 1.69
C ARG A 345 -2.26 13.60 0.27
N LEU A 346 -1.86 14.50 -0.64
CA LEU A 346 -2.36 14.37 -2.04
C LEU A 346 -1.93 13.05 -2.65
N SER A 347 -0.72 12.59 -2.33
CA SER A 347 -0.30 11.32 -2.94
C SER A 347 -1.14 10.13 -2.44
N HIS A 348 -1.48 10.19 -1.17
CA HIS A 348 -2.39 9.09 -0.67
CA HIS A 348 -2.40 9.18 -0.70
C HIS A 348 -3.87 9.07 -1.38
N VAL A 349 -4.29 10.34 -1.56
CA VAL A 349 -5.61 10.45 -2.18
C VAL A 349 -5.49 9.95 -3.63
N ASP A 350 -4.40 10.34 -4.29
CA ASP A 350 -4.19 10.01 -5.70
C ASP A 350 -4.16 8.49 -5.88
N LEU A 351 -3.51 7.81 -4.96
CA LEU A 351 -3.48 6.37 -5.00
CA LEU A 351 -3.48 6.36 -5.01
C LEU A 351 -4.86 5.78 -4.71
N LEU A 352 -5.52 6.29 -3.66
CA LEU A 352 -6.86 5.74 -3.34
C LEU A 352 -7.82 5.85 -4.54
N ARG A 353 -7.92 7.04 -5.13
CA ARG A 353 -8.95 7.25 -6.13
C ARG A 353 -8.60 6.63 -7.46
N SER A 354 -7.37 6.17 -7.64
CA SER A 354 -7.06 5.42 -8.86
C SER A 354 -7.16 3.93 -8.54
N VAL A 355 -6.17 3.41 -7.81
CA VAL A 355 -6.10 1.98 -7.54
C VAL A 355 -7.26 1.44 -6.70
N GLN A 356 -7.60 2.09 -5.58
CA GLN A 356 -8.62 1.50 -4.73
C GLN A 356 -10.03 1.70 -5.31
N PHE A 357 -10.31 2.86 -5.93
CA PHE A 357 -11.61 3.03 -6.55
C PHE A 357 -11.80 2.02 -7.70
N LEU A 358 -10.74 1.72 -8.45
CA LEU A 358 -10.86 0.72 -9.51
C LEU A 358 -11.25 -0.65 -8.88
N GLU A 359 -10.54 -1.00 -7.81
CA GLU A 359 -10.85 -2.26 -7.12
C GLU A 359 -12.33 -2.30 -6.67
N ASP A 360 -12.81 -1.19 -6.13
CA ASP A 360 -14.15 -1.17 -5.56
C ASP A 360 -15.23 -1.13 -6.63
N SER A 361 -14.90 -0.79 -7.86
CA SER A 361 -15.92 -0.95 -8.89
C SER A 361 -15.68 -2.18 -9.80
N SER A 362 -14.72 -3.03 -9.43
CA SER A 362 -14.38 -4.26 -10.16
C SER A 362 -15.15 -5.45 -9.56
N PRO A 363 -15.09 -6.62 -10.22
CA PRO A 363 -15.75 -7.80 -9.65
C PRO A 363 -15.13 -8.23 -8.33
N LEU A 364 -13.96 -7.67 -8.00
CA LEU A 364 -13.28 -8.02 -6.77
C LEU A 364 -13.74 -7.18 -5.59
N SER A 365 -14.64 -6.23 -5.85
CA SER A 365 -15.09 -5.29 -4.80
C SER A 365 -15.50 -6.01 -3.48
N HIS A 366 -14.99 -5.48 -2.37
CA HIS A 366 -15.30 -6.03 -1.06
C HIS A 366 -15.32 -4.91 -0.04
N PRO A 367 -16.02 -5.11 1.09
CA PRO A 367 -15.93 -4.09 2.14
C PRO A 367 -14.61 -4.23 2.89
N ILE A 368 -14.28 -3.26 3.73
CA ILE A 368 -12.99 -3.33 4.40
C ILE A 368 -12.96 -4.45 5.43
N ARG A 369 -14.13 -4.96 5.80
CA ARG A 369 -14.22 -6.19 6.59
C ARG A 369 -15.05 -7.20 5.82
N PRO A 370 -14.40 -8.04 5.02
CA PRO A 370 -15.14 -9.00 4.19
C PRO A 370 -15.91 -10.01 5.01
N GLU A 371 -16.90 -10.65 4.37
CA GLU A 371 -17.73 -11.63 5.02
C GLU A 371 -17.17 -13.05 4.88
N SER A 372 -16.24 -13.22 3.94
CA SER A 372 -15.66 -14.53 3.68
C SER A 372 -14.30 -14.43 3.02
N TYR A 373 -13.54 -15.51 3.07
CA TYR A 373 -12.33 -15.65 2.27
C TYR A 373 -12.03 -17.11 2.03
N VAL A 374 -11.23 -17.35 0.99
CA VAL A 374 -10.67 -18.67 0.72
C VAL A 374 -9.16 -18.56 0.91
N SER A 375 -8.58 -17.51 0.33
CA SER A 375 -7.14 -17.31 0.42
C SER A 375 -6.80 -16.13 1.29
N MET A 376 -6.08 -16.33 2.40
CA MET A 376 -5.64 -15.17 3.17
C MET A 376 -4.59 -14.39 2.41
N GLU A 377 -3.81 -15.07 1.58
CA GLU A 377 -2.72 -14.38 0.89
C GLU A 377 -3.28 -13.36 -0.11
N ASN A 378 -4.59 -13.47 -0.42
CA ASN A 378 -5.27 -12.55 -1.35
C ASN A 378 -6.04 -11.44 -0.65
N PHE A 379 -6.04 -11.48 0.67
CA PHE A 379 -6.85 -10.61 1.54
C PHE A 379 -6.23 -9.21 1.79
N TYR A 380 -4.94 -9.07 1.52
CA TYR A 380 -4.18 -7.87 1.88
C TYR A 380 -4.29 -6.84 0.75
N THR A 381 -5.43 -6.16 0.71
CA THR A 381 -5.79 -5.37 -0.47
C THR A 381 -5.75 -3.88 -0.21
N THR A 382 -5.71 -3.08 -1.28
CA THR A 382 -5.82 -1.65 -1.10
C THR A 382 -7.14 -1.23 -0.46
N THR A 383 -8.19 -2.03 -0.64
CA THR A 383 -9.45 -1.76 0.06
C THR A 383 -9.21 -1.88 1.57
N VAL A 384 -8.73 -3.04 2.02
CA VAL A 384 -8.51 -3.22 3.46
C VAL A 384 -7.52 -2.20 4.05
N TYR A 385 -6.48 -1.85 3.29
CA TYR A 385 -5.41 -0.97 3.78
C TYR A 385 -5.79 0.51 3.64
N ASP A 386 -6.09 0.92 2.42
CA ASP A 386 -6.17 2.36 2.08
C ASP A 386 -7.56 2.88 2.26
N LYS A 387 -8.59 2.13 1.82
CA LYS A 387 -9.93 2.59 2.25
C LYS A 387 -10.07 2.39 3.75
N GLY A 388 -9.49 1.30 4.29
CA GLY A 388 -9.51 1.16 5.74
C GLY A 388 -8.88 2.36 6.45
N SER A 389 -7.77 2.87 5.90
CA SER A 389 -7.13 4.06 6.46
CA SER A 389 -7.13 4.04 6.49
C SER A 389 -8.03 5.27 6.43
N GLU A 390 -8.78 5.44 5.33
CA GLU A 390 -9.65 6.61 5.21
C GLU A 390 -10.81 6.49 6.18
N VAL A 391 -11.28 5.26 6.42
CA VAL A 391 -12.34 5.05 7.40
C VAL A 391 -11.81 5.33 8.82
N MET A 392 -10.54 4.98 9.07
CA MET A 392 -9.98 5.28 10.37
C MET A 392 -9.72 6.79 10.52
N ARG A 393 -9.32 7.45 9.43
CA ARG A 393 -9.13 8.89 9.43
C ARG A 393 -10.44 9.70 9.61
N MET A 394 -11.55 9.19 9.10
CA MET A 394 -12.81 9.91 9.26
C MET A 394 -13.20 10.08 10.74
N TYR A 395 -12.82 9.13 11.61
CA TYR A 395 -13.06 9.33 13.03
C TYR A 395 -12.38 10.59 13.56
N LEU A 396 -11.17 10.84 13.09
CA LEU A 396 -10.43 12.05 13.49
C LEU A 396 -11.10 13.29 12.93
N THR A 397 -11.53 13.21 11.68
CA THR A 397 -12.26 14.35 11.11
C THR A 397 -13.54 14.64 11.90
N ILE A 398 -14.29 13.61 12.26
CA ILE A 398 -15.55 13.75 12.98
C ILE A 398 -15.33 14.29 14.39
N LEU A 399 -14.35 13.73 15.11
CA LEU A 399 -14.15 14.06 16.52
C LEU A 399 -13.30 15.32 16.78
N GLY A 400 -12.42 15.63 15.84
CA GLY A 400 -11.39 16.63 16.07
C GLY A 400 -10.26 16.01 16.89
N GLU A 401 -9.09 16.67 16.88
CA GLU A 401 -7.91 16.06 17.45
C GLU A 401 -8.03 15.72 18.94
N GLU A 402 -8.58 16.62 19.74
CA GLU A 402 -8.63 16.40 21.18
C GLU A 402 -9.47 15.18 21.57
N TYR A 403 -10.67 15.09 21.02
CA TYR A 403 -11.54 13.95 21.31
C TYR A 403 -11.11 12.70 20.57
N TYR A 404 -10.49 12.86 19.41
CA TYR A 404 -9.94 11.68 18.73
C TYR A 404 -8.88 11.05 19.65
N LYS A 405 -7.98 11.88 20.17
CA LYS A 405 -6.90 11.35 21.02
C LYS A 405 -7.48 10.69 22.25
N LYS A 406 -8.54 11.26 22.79
CA LYS A 406 -9.21 10.67 23.94
C LYS A 406 -9.82 9.32 23.61
N GLY A 407 -10.50 9.24 22.49
CA GLY A 407 -11.07 7.97 22.06
C GLY A 407 -10.03 6.91 21.74
N PHE A 408 -8.92 7.32 21.15
CA PHE A 408 -7.85 6.36 20.80
C PHE A 408 -7.27 5.79 22.09
N ASP A 409 -7.04 6.66 23.06
CA ASP A 409 -6.46 6.17 24.31
C ASP A 409 -7.42 5.22 25.03
N ILE A 410 -8.73 5.48 24.93
CA ILE A 410 -9.72 4.54 25.48
C ILE A 410 -9.54 3.17 24.83
N TYR A 411 -9.39 3.20 23.51
CA TYR A 411 -9.18 1.95 22.77
C TYR A 411 -7.95 1.19 23.26
N ILE A 412 -6.84 1.92 23.41
CA ILE A 412 -5.59 1.27 23.79
C ILE A 412 -5.66 0.76 25.23
N LYS A 413 -6.15 1.60 26.13
CA LYS A 413 -6.18 1.19 27.54
C LYS A 413 -7.14 0.01 27.77
N LYS A 414 -8.27 -0.03 27.08
CA LYS A 414 -9.21 -1.13 27.30
C LYS A 414 -8.73 -2.45 26.68
N ASN A 415 -8.02 -2.40 25.56
CA ASN A 415 -7.70 -3.63 24.84
C ASN A 415 -6.24 -4.07 24.84
N ASP A 416 -5.39 -3.31 25.52
CA ASP A 416 -3.97 -3.60 25.57
C ASP A 416 -3.76 -5.01 26.12
N GLY A 417 -2.99 -5.81 25.40
CA GLY A 417 -2.66 -7.16 25.89
C GLY A 417 -3.66 -8.22 25.42
N ASN A 418 -4.63 -7.80 24.62
CA ASN A 418 -5.74 -8.67 24.20
C ASN A 418 -6.00 -8.67 22.68
N THR A 419 -6.76 -9.66 22.20
CA THR A 419 -7.38 -9.58 20.86
C THR A 419 -8.53 -8.56 20.84
N ALA A 420 -8.87 -8.09 19.63
CA ALA A 420 -9.94 -7.11 19.52
C ALA A 420 -10.61 -7.24 18.15
N THR A 421 -11.76 -6.57 18.02
CA THR A 421 -12.53 -6.57 16.79
C THR A 421 -12.79 -5.13 16.33
N CYS A 422 -13.32 -4.97 15.12
CA CYS A 422 -13.68 -3.64 14.63
C CYS A 422 -14.66 -2.92 15.54
N GLU A 423 -15.60 -3.68 16.13
CA GLU A 423 -16.55 -3.12 17.08
C GLU A 423 -15.89 -2.49 18.29
N ASP A 424 -14.80 -3.09 18.78
CA ASP A 424 -14.08 -2.53 19.93
C ASP A 424 -13.58 -1.12 19.62
N PHE A 425 -13.09 -0.91 18.40
CA PHE A 425 -12.63 0.41 18.03
C PHE A 425 -13.78 1.37 17.88
N ASN A 426 -14.85 0.96 17.20
CA ASN A 426 -15.99 1.86 17.04
C ASN A 426 -16.53 2.27 18.39
N TYR A 427 -16.54 1.32 19.34
CA TYR A 427 -17.01 1.55 20.71
C TYR A 427 -16.21 2.65 21.39
N ALA A 428 -14.87 2.56 21.32
CA ALA A 428 -14.02 3.59 21.89
C ALA A 428 -14.28 4.95 21.25
N MET A 429 -14.43 4.94 19.93
CA MET A 429 -14.69 6.19 19.21
C MET A 429 -16.04 6.77 19.62
N GLU A 430 -17.01 5.89 19.82
CA GLU A 430 -18.35 6.34 20.23
C GLU A 430 -18.34 7.00 21.60
N GLN A 431 -17.54 6.48 22.52
CA GLN A 431 -17.46 7.10 23.84
C GLN A 431 -16.95 8.52 23.71
N ALA A 432 -15.93 8.72 22.88
CA ALA A 432 -15.48 10.08 22.65
C ALA A 432 -16.54 10.94 21.96
N TYR A 433 -17.31 10.34 21.06
CA TYR A 433 -18.37 11.06 20.35
C TYR A 433 -19.44 11.57 21.32
N LYS A 434 -19.84 10.72 22.25
CA LYS A 434 -20.79 11.14 23.29
C LYS A 434 -20.25 12.34 24.06
N MET A 435 -18.96 12.30 24.39
CA MET A 435 -18.31 13.41 25.10
C MET A 435 -18.30 14.69 24.28
N LYS A 436 -17.88 14.59 23.02
CA LYS A 436 -17.88 15.75 22.14
C LYS A 436 -19.29 16.36 21.96
N LYS A 437 -20.30 15.49 21.82
CA LYS A 437 -21.65 15.95 21.57
C LYS A 437 -22.37 16.38 22.86
N ALA A 438 -21.72 16.16 24.00
CA ALA A 438 -22.36 16.33 25.30
C ALA A 438 -23.73 15.65 25.31
N ASP A 439 -23.75 14.39 24.93
CA ASP A 439 -25.00 13.69 24.72
C ASP A 439 -24.77 12.18 24.85
N ASN A 440 -25.12 11.61 26.00
CA ASN A 440 -24.93 10.17 26.21
C ASN A 440 -25.84 9.34 25.30
N SER A 441 -26.76 9.98 24.58
CA SER A 441 -27.61 9.26 23.64
C SER A 441 -27.02 9.23 22.22
N ALA A 442 -25.96 10.00 21.98
CA ALA A 442 -25.32 9.97 20.66
C ALA A 442 -24.68 8.60 20.45
N ASN A 443 -24.72 8.11 19.20
CA ASN A 443 -24.03 6.86 18.92
C ASN A 443 -23.46 6.84 17.51
N LEU A 444 -22.59 5.87 17.28
CA LEU A 444 -21.93 5.65 15.99
C LEU A 444 -22.37 4.34 15.37
N ASN A 445 -23.61 3.92 15.65
CA ASN A 445 -24.05 2.66 15.07
C ASN A 445 -24.06 2.68 13.56
N GLN A 446 -24.49 3.80 12.98
CA GLN A 446 -24.50 3.92 11.53
C GLN A 446 -23.08 3.81 10.97
N TYR A 447 -22.11 4.27 11.78
CA TYR A 447 -20.74 4.31 11.31
C TYR A 447 -20.24 2.91 10.95
N LEU A 448 -20.76 1.86 11.59
CA LEU A 448 -20.33 0.48 11.31
C LEU A 448 -20.57 0.05 9.88
N LEU A 449 -21.46 0.75 9.17
CA LEU A 449 -21.69 0.41 7.78
C LEU A 449 -20.43 0.63 6.93
N TRP A 450 -19.53 1.50 7.38
CA TRP A 450 -18.28 1.68 6.65
C TRP A 450 -17.45 0.41 6.65
N PHE A 451 -17.69 -0.47 7.64
CA PHE A 451 -16.92 -1.73 7.70
C PHE A 451 -17.53 -2.83 6.84
N SER A 452 -18.84 -2.77 6.63
CA SER A 452 -19.57 -3.88 6.01
C SER A 452 -20.06 -3.59 4.59
N GLN A 453 -20.20 -2.31 4.24
CA GLN A 453 -20.76 -1.99 2.93
C GLN A 453 -19.64 -1.78 1.92
N SER A 454 -19.70 -2.50 0.81
CA SER A 454 -18.69 -2.32 -0.25
C SER A 454 -19.10 -1.24 -1.24
N GLY A 455 -18.17 -0.83 -2.09
CA GLY A 455 -18.49 0.16 -3.10
C GLY A 455 -18.12 1.58 -2.68
N THR A 456 -17.89 2.45 -3.66
CA THR A 456 -17.57 3.85 -3.39
C THR A 456 -18.82 4.70 -3.41
N PRO A 457 -19.12 5.43 -2.32
CA PRO A 457 -20.28 6.33 -2.42
C PRO A 457 -20.04 7.45 -3.40
N HIS A 458 -21.11 7.91 -4.03
CA HIS A 458 -21.11 9.11 -4.86
C HIS A 458 -21.83 10.23 -4.11
N VAL A 459 -21.18 11.38 -3.96
CA VAL A 459 -21.82 12.51 -3.26
C VAL A 459 -21.95 13.69 -4.22
N SER A 460 -23.17 14.18 -4.37
CA SER A 460 -23.43 15.26 -5.31
C SER A 460 -24.10 16.43 -4.62
N PHE A 461 -24.08 17.58 -5.28
CA PHE A 461 -24.48 18.86 -4.67
C PHE A 461 -25.35 19.70 -5.54
N LYS A 462 -26.24 20.46 -4.91
CA LYS A 462 -26.91 21.58 -5.57
C LYS A 462 -26.86 22.78 -4.62
N TYR A 463 -26.84 24.00 -5.17
CA TYR A 463 -26.68 25.16 -4.31
C TYR A 463 -27.76 26.16 -4.50
N ASN A 464 -27.99 26.95 -3.46
CA ASN A 464 -28.94 28.02 -3.60
CA ASN A 464 -28.91 28.07 -3.62
C ASN A 464 -28.49 29.22 -2.75
N TYR A 465 -28.62 30.43 -3.32
CA TYR A 465 -28.28 31.66 -2.62
C TYR A 465 -29.37 32.69 -2.79
N ASP A 466 -29.83 33.21 -1.67
CA ASP A 466 -30.79 34.32 -1.66
C ASP A 466 -30.06 35.58 -1.22
N ALA A 467 -29.87 36.49 -2.17
CA ALA A 467 -29.02 37.66 -1.94
C ALA A 467 -29.63 38.61 -0.94
N GLU A 468 -30.97 38.68 -0.94
CA GLU A 468 -31.71 39.53 -0.03
C GLU A 468 -31.62 38.99 1.39
N LYS A 469 -31.78 37.68 1.53
CA LYS A 469 -31.73 37.03 2.84
C LYS A 469 -30.31 36.80 3.33
N LYS A 470 -29.34 36.91 2.43
CA LYS A 470 -27.95 36.55 2.77
C LYS A 470 -27.90 35.11 3.29
N GLN A 471 -28.65 34.23 2.62
CA GLN A 471 -28.82 32.84 3.07
C GLN A 471 -28.35 31.90 1.96
N TYR A 472 -27.50 30.96 2.34
CA TYR A 472 -26.88 30.06 1.39
C TYR A 472 -27.22 28.65 1.80
N SER A 473 -27.55 27.80 0.83
CA SER A 473 -27.85 26.40 1.12
CA SER A 473 -27.77 26.41 1.18
C SER A 473 -27.01 25.46 0.26
N ILE A 474 -26.56 24.38 0.87
CA ILE A 474 -25.89 23.29 0.19
C ILE A 474 -26.78 22.04 0.32
N HIS A 475 -27.37 21.60 -0.81
CA HIS A 475 -28.15 20.36 -0.78
CA HIS A 475 -28.17 20.40 -0.87
C HIS A 475 -27.25 19.24 -1.25
N VAL A 476 -27.17 18.19 -0.42
CA VAL A 476 -26.23 17.09 -0.64
C VAL A 476 -26.96 15.78 -0.75
N ASN A 477 -26.53 14.94 -1.69
CA ASN A 477 -27.11 13.62 -1.87
C ASN A 477 -25.99 12.58 -1.87
N GLN A 478 -26.23 11.41 -1.27
CA GLN A 478 -25.29 10.30 -1.42
C GLN A 478 -25.98 9.07 -2.04
N TYR A 479 -25.18 8.27 -2.74
CA TYR A 479 -25.65 7.10 -3.45
C TYR A 479 -24.50 6.12 -3.58
N THR A 480 -24.73 4.87 -3.20
CA THR A 480 -23.75 3.83 -3.53
C THR A 480 -24.42 2.88 -4.52
N LYS A 481 -23.74 2.53 -5.62
CA LYS A 481 -24.33 1.61 -6.60
C LYS A 481 -24.41 0.21 -6.00
N PRO A 482 -25.56 -0.48 -6.16
CA PRO A 482 -25.68 -1.88 -5.75
C PRO A 482 -24.61 -2.71 -6.43
N ASP A 483 -24.16 -3.78 -5.79
CA ASP A 483 -23.11 -4.64 -6.36
C ASP A 483 -23.39 -6.05 -5.86
N GLU A 484 -22.40 -6.94 -5.93
CA GLU A 484 -22.67 -8.34 -5.56
C GLU A 484 -22.75 -8.55 -4.04
N ASN A 485 -22.29 -7.57 -3.27
CA ASN A 485 -22.27 -7.71 -1.81
C ASN A 485 -23.53 -7.18 -1.11
N GLN A 486 -24.10 -6.08 -1.62
CA GLN A 486 -25.40 -5.59 -1.16
C GLN A 486 -26.26 -5.15 -2.36
N LYS A 487 -27.45 -5.73 -2.46
CA LYS A 487 -28.47 -5.31 -3.40
C LYS A 487 -29.03 -3.94 -3.07
N GLU A 488 -29.24 -3.70 -1.78
CA GLU A 488 -29.70 -2.40 -1.33
C GLU A 488 -28.57 -1.80 -0.49
N LYS A 489 -28.13 -0.61 -0.87
CA LYS A 489 -27.07 0.07 -0.15
C LYS A 489 -27.71 1.05 0.80
N LYS A 490 -27.09 1.28 1.94
CA LYS A 490 -27.68 2.15 2.94
C LYS A 490 -26.90 3.44 2.97
N PRO A 491 -27.53 4.54 3.39
CA PRO A 491 -26.71 5.74 3.56
C PRO A 491 -25.67 5.62 4.68
N LEU A 492 -24.51 6.23 4.46
CA LEU A 492 -23.41 6.18 5.40
C LEU A 492 -23.33 7.47 6.17
N PHE A 493 -22.57 7.43 7.26
CA PHE A 493 -22.25 8.64 8.03
C PHE A 493 -21.04 9.28 7.29
N ILE A 494 -21.30 10.34 6.52
CA ILE A 494 -20.27 10.95 5.69
C ILE A 494 -19.95 12.35 6.21
N PRO A 495 -18.73 12.54 6.75
CA PRO A 495 -18.33 13.88 7.18
C PRO A 495 -17.77 14.70 6.02
N ILE A 496 -18.32 15.90 5.87
CA ILE A 496 -17.98 16.76 4.74
C ILE A 496 -17.35 18.03 5.30
N SER A 497 -16.03 18.05 5.27
CA SER A 497 -15.31 19.24 5.67
CA SER A 497 -15.28 19.23 5.66
C SER A 497 -15.48 20.30 4.60
N VAL A 498 -15.99 21.46 4.99
CA VAL A 498 -16.30 22.52 4.01
CA VAL A 498 -16.37 22.52 4.04
C VAL A 498 -15.81 23.91 4.41
N GLY A 499 -15.50 24.68 3.39
CA GLY A 499 -15.29 26.11 3.54
C GLY A 499 -16.16 26.83 2.52
N LEU A 500 -16.34 28.11 2.74
CA LEU A 500 -17.08 28.95 1.78
C LEU A 500 -16.15 30.07 1.38
N ILE A 501 -15.80 30.13 0.09
CA ILE A 501 -14.84 31.12 -0.37
C ILE A 501 -15.58 32.32 -0.97
N ASN A 502 -15.21 33.52 -0.52
CA ASN A 502 -15.70 34.77 -1.11
C ASN A 502 -15.01 34.98 -2.45
N PRO A 503 -15.76 34.91 -3.56
CA PRO A 503 -15.09 34.97 -4.86
C PRO A 503 -14.46 36.33 -5.14
N GLU A 504 -14.84 37.38 -4.42
CA GLU A 504 -14.27 38.69 -4.72
C GLU A 504 -12.89 38.89 -4.10
N ASN A 505 -12.64 38.29 -2.94
CA ASN A 505 -11.33 38.45 -2.32
C ASN A 505 -10.60 37.18 -1.92
N GLY A 506 -11.20 36.02 -2.18
CA GLY A 506 -10.62 34.73 -1.90
C GLY A 506 -10.60 34.32 -0.44
N LYS A 507 -11.29 35.08 0.41
CA LYS A 507 -11.21 34.84 1.86
C LYS A 507 -12.26 33.84 2.35
N GLU A 508 -11.98 33.24 3.50
CA GLU A 508 -12.92 32.34 4.15
C GLU A 508 -14.14 33.10 4.64
N MET A 509 -15.33 32.54 4.43
CA MET A 509 -16.53 33.22 4.90
C MET A 509 -17.15 32.60 6.15
N ILE A 510 -16.74 31.38 6.50
CA ILE A 510 -17.17 30.75 7.74
C ILE A 510 -16.00 30.08 8.45
N SER A 511 -16.18 29.78 9.74
CA SER A 511 -15.18 29.00 10.47
C SER A 511 -15.16 27.54 10.00
N GLN A 512 -14.15 26.81 10.47
CA GLN A 512 -14.02 25.37 10.18
C GLN A 512 -15.32 24.66 10.46
N THR A 513 -15.80 23.92 9.47
CA THR A 513 -17.12 23.31 9.57
C THR A 513 -17.10 21.94 8.93
N THR A 514 -17.59 20.94 9.67
CA THR A 514 -17.70 19.58 9.13
C THR A 514 -19.16 19.20 9.15
N LEU A 515 -19.76 19.14 7.98
CA LEU A 515 -21.14 18.70 7.82
C LEU A 515 -21.29 17.24 8.07
N GLU A 516 -22.24 16.84 8.91
CA GLU A 516 -22.41 15.40 9.14
C GLU A 516 -23.59 14.91 8.32
N LEU A 517 -23.31 14.31 7.16
CA LEU A 517 -24.40 13.82 6.32
C LEU A 517 -24.70 12.40 6.77
N THR A 518 -25.92 12.17 7.25
CA THR A 518 -26.26 10.85 7.75
C THR A 518 -27.47 10.27 7.04
N LYS A 519 -28.06 11.05 6.12
CA LYS A 519 -29.24 10.57 5.41
C LYS A 519 -28.89 10.43 3.95
N GLU A 520 -29.83 9.93 3.16
CA GLU A 520 -29.56 9.81 1.74
C GLU A 520 -29.41 11.22 1.14
N SER A 521 -30.10 12.19 1.75
CA SER A 521 -29.89 13.56 1.35
C SER A 521 -30.20 14.51 2.50
N ASP A 522 -29.62 15.70 2.43
CA ASP A 522 -29.87 16.70 3.46
C ASP A 522 -29.59 18.07 2.87
N THR A 523 -30.14 19.10 3.48
CA THR A 523 -29.88 20.47 3.06
C THR A 523 -29.28 21.24 4.24
N PHE A 524 -28.06 21.78 4.04
CA PHE A 524 -27.36 22.54 5.07
C PHE A 524 -27.45 24.00 4.73
N VAL A 525 -28.00 24.79 5.66
CA VAL A 525 -28.25 26.20 5.39
C VAL A 525 -27.35 27.08 6.26
N PHE A 526 -26.88 28.18 5.66
CA PHE A 526 -26.00 29.12 6.34
C PHE A 526 -26.57 30.51 6.23
N ASN A 527 -26.72 31.16 7.38
CA ASN A 527 -27.20 32.53 7.42
C ASN A 527 -26.04 33.52 7.43
N ASN A 528 -26.36 34.78 7.17
CA ASN A 528 -25.39 35.88 7.24
C ASN A 528 -24.21 35.60 6.32
N ILE A 529 -24.54 35.16 5.09
CA ILE A 529 -23.57 34.94 4.04
C ILE A 529 -23.75 36.11 3.09
N ALA A 530 -22.77 37.00 3.05
CA ALA A 530 -22.98 38.35 2.56
C ALA A 530 -23.00 38.44 1.04
N VAL A 531 -22.41 37.43 0.41
CA VAL A 531 -22.26 37.36 -1.02
C VAL A 531 -22.31 35.87 -1.39
N LYS A 532 -22.73 35.56 -2.60
CA LYS A 532 -22.76 34.16 -3.03
C LYS A 532 -21.35 33.53 -3.05
N PRO A 533 -21.13 32.48 -2.24
CA PRO A 533 -19.78 31.91 -2.14
C PRO A 533 -19.48 30.90 -3.24
N ILE A 534 -18.23 30.52 -3.34
CA ILE A 534 -17.90 29.27 -4.01
C ILE A 534 -17.58 28.27 -2.91
N PRO A 535 -18.30 27.17 -2.88
CA PRO A 535 -18.03 26.21 -1.80
C PRO A 535 -16.77 25.39 -2.05
N SER A 536 -16.03 25.15 -0.96
CA SER A 536 -14.81 24.36 -0.94
C SER A 536 -15.20 23.06 -0.22
N LEU A 537 -15.41 22.01 -1.00
CA LEU A 537 -16.04 20.77 -0.50
C LEU A 537 -15.10 19.60 -0.30
N PHE A 538 -15.27 18.92 0.85
CA PHE A 538 -14.48 17.74 1.25
C PHE A 538 -13.03 18.13 1.41
N ARG A 539 -12.79 19.25 2.09
CA ARG A 539 -11.41 19.66 2.38
C ARG A 539 -10.60 18.52 3.01
N GLY A 540 -9.36 18.39 2.56
CA GLY A 540 -8.47 17.33 3.01
C GLY A 540 -8.90 15.96 2.50
N PHE A 541 -9.82 15.93 1.55
CA PHE A 541 -10.53 14.71 1.09
C PHE A 541 -11.17 13.98 2.28
N SER A 542 -12.26 14.55 2.80
CA SER A 542 -12.72 14.17 4.14
C SER A 542 -13.56 12.90 4.18
N ALA A 543 -13.86 12.32 3.04
CA ALA A 543 -14.50 11.00 2.99
C ALA A 543 -14.11 10.30 1.71
N PRO A 544 -14.03 8.95 1.72
CA PRO A 544 -13.58 8.23 0.52
C PRO A 544 -14.72 8.03 -0.47
N VAL A 545 -14.98 9.08 -1.23
CA VAL A 545 -16.16 9.14 -2.08
C VAL A 545 -15.82 9.76 -3.45
N TYR A 546 -16.70 9.48 -4.41
CA TYR A 546 -16.73 10.23 -5.67
C TYR A 546 -17.43 11.56 -5.44
N ILE A 547 -16.71 12.66 -5.65
CA ILE A 547 -17.25 14.00 -5.43
C ILE A 547 -17.75 14.58 -6.76
N GLU A 548 -19.01 15.00 -6.80
CA GLU A 548 -19.56 15.64 -7.99
C GLU A 548 -19.90 17.04 -7.51
N ASP A 549 -18.99 18.00 -7.76
CA ASP A 549 -19.06 19.33 -7.11
C ASP A 549 -20.05 20.29 -7.79
N GLN A 550 -20.48 19.93 -8.99
CA GLN A 550 -21.47 20.72 -9.74
C GLN A 550 -21.05 22.19 -9.87
N LEU A 551 -19.74 22.42 -9.91
CA LEU A 551 -19.21 23.76 -10.15
C LEU A 551 -18.87 23.98 -11.62
N THR A 552 -18.94 25.23 -12.03
CA THR A 552 -18.45 25.58 -13.38
C THR A 552 -16.94 25.56 -13.38
N ASP A 553 -16.36 25.56 -14.58
CA ASP A 553 -14.90 25.56 -14.62
C ASP A 553 -14.37 26.90 -14.14
N GLU A 554 -15.11 28.00 -14.37
CA GLU A 554 -14.77 29.30 -13.78
C GLU A 554 -14.66 29.22 -12.25
N GLU A 555 -15.65 28.59 -11.60
CA GLU A 555 -15.61 28.42 -10.14
C GLU A 555 -14.44 27.56 -9.74
N ARG A 556 -14.18 26.51 -10.50
CA ARG A 556 -13.10 25.59 -10.16
C ARG A 556 -11.76 26.30 -10.28
N ILE A 557 -11.62 27.12 -11.31
CA ILE A 557 -10.40 27.90 -11.47
C ILE A 557 -10.18 28.85 -10.29
N LEU A 558 -11.25 29.49 -9.83
CA LEU A 558 -11.11 30.41 -8.72
C LEU A 558 -10.61 29.65 -7.50
N LEU A 559 -11.15 28.45 -7.27
CA LEU A 559 -10.68 27.63 -6.12
C LEU A 559 -9.22 27.21 -6.32
N LEU A 560 -8.91 26.76 -7.53
CA LEU A 560 -7.55 26.34 -7.85
C LEU A 560 -6.55 27.46 -7.50
N LYS A 561 -6.92 28.70 -7.79
CA LYS A 561 -6.00 29.81 -7.53
C LYS A 561 -6.01 30.27 -6.08
N TYR A 562 -7.18 30.32 -5.47
CA TYR A 562 -7.34 31.05 -4.22
C TYR A 562 -7.85 30.29 -2.99
N ASP A 563 -8.27 29.03 -3.15
CA ASP A 563 -8.75 28.30 -1.98
C ASP A 563 -7.58 28.05 -1.01
N SER A 564 -7.92 27.80 0.24
CA SER A 564 -6.92 27.53 1.27
C SER A 564 -6.58 26.05 1.38
N ASP A 565 -7.43 25.18 0.86
CA ASP A 565 -7.21 23.74 1.06
C ASP A 565 -6.52 23.06 -0.14
N ALA A 566 -5.39 22.42 0.10
CA ALA A 566 -4.64 21.85 -1.02
C ALA A 566 -5.45 20.78 -1.75
N PHE A 567 -6.13 19.91 -1.01
CA PHE A 567 -6.89 18.92 -1.74
C PHE A 567 -8.00 19.54 -2.62
N VAL A 568 -8.77 20.50 -2.11
CA VAL A 568 -9.84 21.07 -2.98
C VAL A 568 -9.21 21.78 -4.20
N ARG A 569 -8.06 22.41 -4.00
CA ARG A 569 -7.39 23.04 -5.16
C ARG A 569 -7.00 21.97 -6.18
N TYR A 570 -6.33 20.90 -5.72
CA TYR A 570 -5.96 19.78 -6.57
C TYR A 570 -7.17 19.09 -7.19
N ASN A 571 -8.26 18.97 -6.44
CA ASN A 571 -9.46 18.33 -6.96
C ASN A 571 -10.16 19.21 -8.00
N SER A 572 -10.12 20.53 -7.78
CA SER A 572 -10.81 21.42 -8.70
C SER A 572 -10.08 21.30 -10.06
N CYS A 573 -8.75 21.24 -9.99
CA CYS A 573 -7.92 21.02 -11.17
C CYS A 573 -8.26 19.67 -11.82
N THR A 574 -8.26 18.61 -11.02
CA THR A 574 -8.65 17.28 -11.50
C THR A 574 -10.00 17.31 -12.26
N ASN A 575 -10.99 18.00 -11.70
CA ASN A 575 -12.34 18.03 -12.26
C ASN A 575 -12.37 18.80 -13.59
N ILE A 576 -11.60 19.88 -13.66
CA ILE A 576 -11.44 20.61 -14.95
C ILE A 576 -10.84 19.66 -16.01
N TYR A 577 -9.76 18.96 -15.63
CA TYR A 577 -9.18 18.00 -16.58
C TYR A 577 -10.18 16.92 -16.96
N MET A 578 -10.89 16.34 -15.99
CA MET A 578 -11.81 15.24 -16.34
C MET A 578 -12.90 15.70 -17.30
N LYS A 579 -13.43 16.90 -17.12
CA LYS A 579 -14.49 17.40 -18.02
CA LYS A 579 -14.47 17.41 -18.01
C LYS A 579 -13.93 17.49 -19.45
N GLN A 580 -12.71 17.98 -19.54
CA GLN A 580 -12.04 18.07 -20.85
C GLN A 580 -11.77 16.70 -21.46
N ILE A 581 -11.20 15.80 -20.67
CA ILE A 581 -10.93 14.43 -21.10
C ILE A 581 -12.19 13.73 -21.62
N LEU A 582 -13.28 13.81 -20.87
CA LEU A 582 -14.48 13.11 -21.30
C LEU A 582 -15.01 13.71 -22.61
N MET A 583 -14.91 15.03 -22.74
CA MET A 583 -15.40 15.69 -23.95
CA MET A 583 -15.40 15.70 -23.93
C MET A 583 -14.58 15.29 -25.16
N ASN A 584 -13.26 15.40 -25.05
CA ASN A 584 -12.40 15.08 -26.19
C ASN A 584 -12.43 13.60 -26.48
N TYR A 585 -12.49 12.78 -25.40
CA TYR A 585 -12.60 11.35 -25.61
C TYR A 585 -13.82 11.05 -26.48
N ASN A 586 -14.97 11.62 -26.18
CA ASN A 586 -16.13 11.31 -26.99
CA ASN A 586 -16.17 11.37 -26.98
C ASN A 586 -16.04 11.84 -28.42
N GLU A 587 -15.37 12.95 -28.62
CA GLU A 587 -15.20 13.52 -29.96
C GLU A 587 -14.28 12.61 -30.81
N PHE A 588 -13.17 12.17 -30.23
CA PHE A 588 -12.28 11.20 -30.90
C PHE A 588 -13.00 9.87 -31.18
N LEU A 589 -13.80 9.41 -30.19
CA LEU A 589 -14.52 8.14 -30.35
C LEU A 589 -15.50 8.23 -31.49
N LYS A 590 -16.24 9.33 -31.55
CA LYS A 590 -17.20 9.51 -32.63
C LYS A 590 -16.52 9.55 -34.00
N ALA A 591 -15.36 10.22 -34.09
CA ALA A 591 -14.64 10.30 -35.36
C ALA A 591 -14.16 8.91 -35.80
N LYS A 592 -13.69 8.12 -34.84
CA LYS A 592 -13.27 6.74 -35.06
C LYS A 592 -14.44 5.88 -35.53
N ASN A 593 -15.52 5.89 -34.76
CA ASN A 593 -16.70 5.08 -35.10
C ASN A 593 -17.33 5.48 -36.44
N GLU A 594 -17.45 6.78 -36.70
CA GLU A 594 -18.11 7.23 -37.90
C GLU A 594 -17.15 7.33 -39.09
N LYS A 595 -15.88 6.99 -38.88
CA LYS A 595 -14.88 7.04 -39.94
C LYS A 595 -14.80 8.42 -40.60
N LEU A 596 -14.73 9.45 -39.77
CA LEU A 596 -14.83 10.81 -40.29
C LEU A 596 -13.54 11.20 -40.97
N GLU A 597 -13.68 11.96 -42.05
CA GLU A 597 -12.51 12.48 -42.77
C GLU A 597 -12.03 13.77 -42.12
N SER A 598 -12.95 14.43 -41.42
CA SER A 598 -12.68 15.69 -40.74
CA SER A 598 -12.64 15.67 -40.70
C SER A 598 -13.60 15.82 -39.53
N PHE A 599 -13.14 16.50 -38.48
CA PHE A 599 -13.97 16.73 -37.33
C PHE A 599 -13.30 17.78 -36.47
N GLN A 600 -13.97 18.18 -35.40
CA GLN A 600 -13.43 19.21 -34.51
C GLN A 600 -13.22 18.66 -33.11
N LEU A 601 -12.22 19.21 -32.45
CA LEU A 601 -11.99 18.94 -31.04
C LEU A 601 -12.20 20.20 -30.23
N THR A 602 -12.86 20.07 -29.08
CA THR A 602 -13.02 21.20 -28.14
C THR A 602 -11.69 21.57 -27.50
N PRO A 603 -11.22 22.81 -27.67
CA PRO A 603 -9.93 23.14 -27.07
C PRO A 603 -9.96 23.20 -25.55
N VAL A 604 -8.80 23.10 -24.94
CA VAL A 604 -8.66 23.25 -23.50
C VAL A 604 -9.03 24.69 -23.12
N ASN A 605 -9.73 24.83 -22.00
CA ASN A 605 -10.16 26.13 -21.48
C ASN A 605 -8.95 27.06 -21.34
N ALA A 606 -8.96 28.21 -22.03
CA ALA A 606 -7.78 29.08 -22.01
C ALA A 606 -7.57 29.72 -20.63
N GLN A 607 -8.66 29.98 -19.91
CA GLN A 607 -8.51 30.56 -18.55
C GLN A 607 -7.90 29.56 -17.58
N PHE A 608 -8.19 28.28 -17.79
CA PHE A 608 -7.53 27.18 -17.05
C PHE A 608 -6.03 27.19 -17.32
N ILE A 609 -5.66 27.31 -18.60
CA ILE A 609 -4.24 27.33 -18.95
C ILE A 609 -3.58 28.56 -18.31
N ASP A 610 -4.30 29.68 -18.31
CA ASP A 610 -3.77 30.90 -17.66
C ASP A 610 -3.55 30.70 -16.16
N ALA A 611 -4.44 29.95 -15.55
CA ALA A 611 -4.37 29.67 -14.11
C ALA A 611 -3.16 28.79 -13.81
N ILE A 612 -2.94 27.77 -14.64
CA ILE A 612 -1.76 26.93 -14.47
C ILE A 612 -0.51 27.79 -14.55
N LYS A 613 -0.44 28.68 -15.54
CA LYS A 613 0.71 29.57 -15.67
C LYS A 613 0.91 30.43 -14.42
N TYR A 614 -0.20 30.95 -13.93
CA TYR A 614 -0.22 31.82 -12.76
C TYR A 614 0.42 31.11 -11.54
N LEU A 615 -0.05 29.88 -11.30
CA LEU A 615 0.49 29.09 -10.20
C LEU A 615 1.95 28.72 -10.46
N LEU A 616 2.27 28.23 -11.66
CA LEU A 616 3.67 27.90 -11.94
C LEU A 616 4.62 29.07 -11.69
N GLU A 617 4.16 30.29 -11.97
CA GLU A 617 5.03 31.47 -11.91
C GLU A 617 5.07 32.09 -10.52
N ASP A 618 4.28 31.55 -9.61
CA ASP A 618 4.24 32.10 -8.26
C ASP A 618 5.38 31.51 -7.44
N PRO A 619 6.35 32.36 -7.04
CA PRO A 619 7.53 31.88 -6.32
C PRO A 619 7.16 31.28 -4.98
N HIS A 620 6.05 31.71 -4.41
CA HIS A 620 5.67 31.30 -3.07
C HIS A 620 4.84 30.06 -3.10
N ALA A 621 4.58 29.54 -4.30
CA ALA A 621 3.80 28.32 -4.45
C ALA A 621 4.69 27.07 -4.34
N ASP A 622 4.07 25.98 -3.95
CA ASP A 622 4.75 24.71 -3.65
C ASP A 622 5.12 23.89 -4.89
N ALA A 623 6.39 23.51 -5.01
CA ALA A 623 6.84 22.76 -6.19
C ALA A 623 6.16 21.39 -6.41
N GLY A 624 5.88 20.66 -5.32
CA GLY A 624 5.18 19.40 -5.45
C GLY A 624 3.76 19.59 -5.97
N PHE A 625 3.08 20.60 -5.43
CA PHE A 625 1.72 20.90 -5.89
C PHE A 625 1.74 21.26 -7.39
N LYS A 626 2.74 22.04 -7.78
CA LYS A 626 2.90 22.44 -9.18
C LYS A 626 3.05 21.21 -10.07
N SER A 627 3.78 20.21 -9.63
CA SER A 627 3.96 19.05 -10.48
CA SER A 627 3.95 19.03 -10.47
C SER A 627 2.62 18.30 -10.68
N TYR A 628 1.72 18.37 -9.70
CA TYR A 628 0.42 17.74 -9.86
C TYR A 628 -0.44 18.50 -10.87
N ILE A 629 -0.39 19.83 -10.85
CA ILE A 629 -1.34 20.55 -11.71
C ILE A 629 -1.00 20.44 -13.20
N VAL A 630 0.26 20.13 -13.53
CA VAL A 630 0.62 19.98 -14.95
C VAL A 630 0.52 18.53 -15.41
N SER A 631 0.04 17.68 -14.50
CA SER A 631 -0.11 16.26 -14.78
C SER A 631 -1.58 15.93 -14.93
N LEU A 632 -1.92 15.24 -16.01
CA LEU A 632 -3.31 14.79 -16.14
C LEU A 632 -3.62 13.72 -15.10
N PRO A 633 -4.91 13.56 -14.76
CA PRO A 633 -5.28 12.49 -13.82
C PRO A 633 -4.83 11.14 -14.33
N GLN A 634 -4.45 10.27 -13.39
CA GLN A 634 -4.08 8.89 -13.67
C GLN A 634 -5.05 8.17 -14.56
N ASP A 635 -4.53 7.32 -15.44
CA ASP A 635 -5.38 6.54 -16.29
C ASP A 635 -6.37 5.73 -15.48
N ARG A 636 -5.88 5.12 -14.40
CA ARG A 636 -6.78 4.32 -13.57
C ARG A 636 -7.84 5.13 -12.82
N TYR A 637 -7.63 6.44 -12.68
CA TYR A 637 -8.67 7.30 -12.18
C TYR A 637 -9.70 7.58 -13.28
N ILE A 638 -9.17 7.88 -14.47
CA ILE A 638 -10.02 8.23 -15.60
C ILE A 638 -10.97 7.07 -15.91
N ILE A 639 -10.50 5.83 -15.84
CA ILE A 639 -11.29 4.70 -16.34
C ILE A 639 -12.58 4.49 -15.50
N ASN A 640 -12.59 4.99 -14.26
CA ASN A 640 -13.81 4.90 -13.48
C ASN A 640 -14.98 5.72 -14.05
N PHE A 641 -14.70 6.58 -15.02
CA PHE A 641 -15.71 7.50 -15.55
C PHE A 641 -16.14 7.21 -16.99
N VAL A 642 -15.58 6.16 -17.57
CA VAL A 642 -15.83 5.84 -18.97
C VAL A 642 -16.23 4.40 -19.15
N SER A 643 -17.37 4.13 -19.79
CA SER A 643 -17.73 2.75 -20.13
C SER A 643 -17.05 2.30 -21.41
N ASN A 644 -16.67 1.02 -21.47
CA ASN A 644 -16.10 0.44 -22.69
C ASN A 644 -14.95 1.28 -23.20
N LEU A 645 -14.07 1.62 -22.28
CA LEU A 645 -12.96 2.52 -22.56
C LEU A 645 -12.05 1.96 -23.63
N ASP A 646 -11.93 2.71 -24.74
CA ASP A 646 -11.01 2.40 -25.83
C ASP A 646 -9.69 3.05 -25.45
N THR A 647 -8.68 2.25 -25.11
CA THR A 647 -7.43 2.81 -24.60
C THR A 647 -6.66 3.64 -25.64
N ASP A 648 -6.81 3.31 -26.93
CA ASP A 648 -6.18 4.11 -28.00
C ASP A 648 -6.79 5.48 -28.06
N VAL A 649 -8.11 5.52 -27.94
CA VAL A 649 -8.82 6.79 -28.01
C VAL A 649 -8.44 7.61 -26.78
N LEU A 650 -8.35 6.98 -25.59
CA LEU A 650 -7.87 7.74 -24.43
C LEU A 650 -6.42 8.23 -24.63
N ALA A 651 -5.56 7.39 -25.20
CA ALA A 651 -4.20 7.84 -25.47
C ALA A 651 -4.17 9.04 -26.41
N ASP A 652 -5.00 9.03 -27.46
CA ASP A 652 -5.10 10.18 -28.35
C ASP A 652 -5.65 11.41 -27.61
N THR A 653 -6.58 11.18 -26.70
CA THR A 653 -7.16 12.28 -25.93
C THR A 653 -6.14 12.97 -25.04
N LYS A 654 -5.39 12.17 -24.28
CA LYS A 654 -4.35 12.71 -23.44
C LYS A 654 -3.33 13.47 -24.26
N GLU A 655 -2.96 12.90 -25.40
CA GLU A 655 -1.93 13.52 -26.21
C GLU A 655 -2.39 14.88 -26.71
N TYR A 656 -3.64 14.97 -27.16
CA TYR A 656 -4.16 16.26 -27.61
C TYR A 656 -4.14 17.29 -26.48
N ILE A 657 -4.59 16.90 -25.30
CA ILE A 657 -4.69 17.85 -24.19
C ILE A 657 -3.30 18.31 -23.72
N TYR A 658 -2.36 17.38 -23.60
CA TYR A 658 -0.99 17.79 -23.25
C TYR A 658 -0.38 18.71 -24.29
N LYS A 659 -0.65 18.44 -25.58
CA LYS A 659 -0.10 19.27 -26.64
C LYS A 659 -0.73 20.69 -26.62
N GLN A 660 -2.04 20.76 -26.35
CA GLN A 660 -2.76 22.05 -26.22
C GLN A 660 -2.12 22.92 -25.17
N ILE A 661 -1.81 22.29 -24.04
CA ILE A 661 -1.32 23.07 -22.88
C ILE A 661 0.15 23.39 -23.14
N GLY A 662 0.92 22.42 -23.63
CA GLY A 662 2.33 22.69 -23.94
C GLY A 662 2.53 23.74 -25.02
N ASP A 663 1.66 23.76 -26.03
CA ASP A 663 1.76 24.82 -27.06
C ASP A 663 1.63 26.24 -26.47
N LYS A 664 0.97 26.39 -25.33
CA LYS A 664 0.92 27.68 -24.64
C LYS A 664 2.02 27.85 -23.59
N LEU A 665 2.37 26.77 -22.87
CA LEU A 665 3.20 26.95 -21.67
C LEU A 665 4.64 26.41 -21.76
N ASN A 666 5.04 25.82 -22.88
CA ASN A 666 6.39 25.21 -22.90
C ASN A 666 7.49 26.20 -22.55
N ASP A 667 7.40 27.46 -23.01
CA ASP A 667 8.44 28.43 -22.70
C ASP A 667 8.51 28.65 -21.17
N VAL A 668 7.33 28.68 -20.55
CA VAL A 668 7.25 28.76 -19.07
C VAL A 668 7.90 27.55 -18.41
N TYR A 669 7.55 26.37 -18.91
CA TYR A 669 8.14 25.12 -18.43
C TYR A 669 9.67 25.12 -18.50
N TYR A 670 10.19 25.58 -19.63
CA TYR A 670 11.61 25.57 -19.85
C TYR A 670 12.31 26.55 -18.90
N LYS A 671 11.75 27.74 -18.81
CA LYS A 671 12.28 28.77 -17.90
C LYS A 671 12.36 28.23 -16.46
N MET A 672 11.33 27.49 -16.04
CA MET A 672 11.29 26.96 -14.67
C MET A 672 12.26 25.81 -14.51
N PHE A 673 12.31 24.95 -15.52
CA PHE A 673 13.27 23.86 -15.51
C PHE A 673 14.65 24.43 -15.25
N LYS A 674 15.02 25.55 -15.90
CA LYS A 674 16.37 26.08 -15.71
C LYS A 674 16.50 26.81 -14.36
N SER A 675 15.46 27.52 -13.93
CA SER A 675 15.61 28.34 -12.72
C SER A 675 15.58 27.51 -11.44
N LEU A 676 14.99 26.31 -11.53
CA LEU A 676 14.88 25.41 -10.38
C LEU A 676 16.17 24.64 -10.10
N GLU A 677 17.08 24.68 -11.06
CA GLU A 677 18.25 23.79 -11.03
C GLU A 677 19.08 23.97 -9.77
N ALA A 678 19.44 25.21 -9.47
CA ALA A 678 20.33 25.48 -8.33
C ALA A 678 19.80 24.89 -7.03
N LYS A 679 18.54 25.19 -6.67
CA LYS A 679 18.00 24.62 -5.43
C LYS A 679 17.65 23.14 -5.53
N ALA A 680 17.13 22.69 -6.67
CA ALA A 680 16.70 21.32 -6.78
C ALA A 680 17.88 20.35 -6.67
N ASP A 681 19.02 20.71 -7.25
CA ASP A 681 20.12 19.75 -7.38
C ASP A 681 21.28 20.08 -6.44
N ASP A 682 21.00 20.93 -5.46
CA ASP A 682 22.00 21.32 -4.46
C ASP A 682 22.67 20.07 -3.85
N LEU A 683 24.01 20.07 -3.87
CA LEU A 683 24.79 18.92 -3.43
C LEU A 683 25.35 19.09 -2.01
N THR A 684 24.98 20.19 -1.35
CA THR A 684 25.56 20.50 -0.05
C THR A 684 25.54 19.32 0.91
N TYR A 685 24.42 18.59 0.92
CA TYR A 685 24.23 17.50 1.86
C TYR A 685 24.22 16.13 1.21
N PHE A 686 24.82 16.01 0.03
CA PHE A 686 24.80 14.75 -0.71
C PHE A 686 25.48 13.62 0.07
N ASN A 687 26.50 13.94 0.87
CA ASN A 687 27.15 12.88 1.66
C ASN A 687 26.74 12.83 3.12
N ASP A 688 25.59 13.44 3.41
CA ASP A 688 24.98 13.31 4.72
C ASP A 688 23.65 12.55 4.60
N GLU A 689 23.60 11.32 5.12
CA GLU A 689 22.42 10.48 5.03
C GLU A 689 21.36 10.79 6.04
N SER A 690 21.68 11.67 6.97
CA SER A 690 20.73 12.03 8.00
C SER A 690 19.85 13.15 7.51
N HIS A 691 20.28 13.82 6.44
CA HIS A 691 19.68 15.08 6.04
C HIS A 691 18.76 14.88 4.83
N VAL A 692 17.45 14.95 5.04
CA VAL A 692 16.50 14.67 3.97
C VAL A 692 15.57 15.86 3.86
N ASP A 693 15.46 16.37 2.63
CA ASP A 693 14.77 17.63 2.39
C ASP A 693 13.67 17.35 1.43
N PHE A 694 12.46 17.22 1.98
CA PHE A 694 11.34 16.81 1.17
C PHE A 694 10.92 17.91 0.19
N ASP A 695 11.11 19.18 0.53
CA ASP A 695 10.82 20.25 -0.42
C ASP A 695 11.79 20.19 -1.60
N GLN A 696 13.06 19.94 -1.32
CA GLN A 696 14.05 19.85 -2.39
C GLN A 696 13.73 18.66 -3.31
N MET A 697 13.36 17.51 -2.73
CA MET A 697 12.95 16.39 -3.58
C MET A 697 11.73 16.73 -4.42
N ASN A 698 10.80 17.50 -3.87
CA ASN A 698 9.66 17.95 -4.70
C ASN A 698 10.08 18.90 -5.82
N MET A 699 11.12 19.70 -5.59
CA MET A 699 11.67 20.54 -6.68
C MET A 699 12.23 19.66 -7.80
N ARG A 700 12.88 18.57 -7.42
CA ARG A 700 13.36 17.65 -8.45
C ARG A 700 12.20 16.98 -9.18
N THR A 701 11.15 16.62 -8.43
CA THR A 701 9.96 16.01 -9.05
C THR A 701 9.43 16.98 -10.10
N LEU A 702 9.37 18.25 -9.73
CA LEU A 702 8.83 19.24 -10.68
C LEU A 702 9.75 19.37 -11.90
N ARG A 703 11.06 19.42 -11.66
CA ARG A 703 12.02 19.54 -12.75
C ARG A 703 11.99 18.34 -13.70
N ASN A 704 11.76 17.15 -13.16
CA ASN A 704 11.70 15.94 -13.95
C ASN A 704 10.36 15.79 -14.66
N THR A 705 9.32 16.35 -14.04
CA THR A 705 8.01 16.38 -14.67
C THR A 705 8.04 17.32 -15.89
N LEU A 706 8.55 18.53 -15.68
CA LEU A 706 8.66 19.49 -16.78
C LEU A 706 9.55 18.97 -17.91
N LEU A 707 10.63 18.28 -17.55
CA LEU A 707 11.56 17.81 -18.56
C LEU A 707 10.87 16.77 -19.43
N SER A 708 10.08 15.89 -18.80
CA SER A 708 9.26 14.93 -19.55
C SER A 708 8.29 15.63 -20.54
N LEU A 709 7.60 16.66 -20.06
CA LEU A 709 6.69 17.41 -20.93
C LEU A 709 7.47 18.02 -22.08
N LEU A 710 8.65 18.57 -21.78
CA LEU A 710 9.39 19.28 -22.81
C LEU A 710 9.98 18.30 -23.81
N SER A 711 10.33 17.10 -23.35
CA SER A 711 10.94 16.11 -24.25
C SER A 711 9.91 15.55 -25.19
N LYS A 712 8.76 15.19 -24.63
CA LYS A 712 7.67 14.67 -25.47
C LYS A 712 7.35 15.71 -26.52
N ALA A 713 7.38 16.97 -26.12
CA ALA A 713 7.08 18.09 -27.04
C ALA A 713 8.16 18.38 -28.11
N GLN A 714 9.33 17.73 -28.02
CA GLN A 714 10.45 18.04 -28.91
C GLN A 714 10.79 19.52 -28.89
N TYR A 715 10.70 20.09 -27.69
CA TYR A 715 11.11 21.46 -27.45
C TYR A 715 12.51 21.68 -28.01
N PRO A 716 12.71 22.82 -28.71
CA PRO A 716 13.99 23.02 -29.43
C PRO A 716 15.21 22.79 -28.56
N ASN A 717 16.11 21.94 -29.05
CA ASN A 717 17.37 21.62 -28.38
C ASN A 717 17.24 21.09 -26.94
N ILE A 718 16.08 20.54 -26.59
CA ILE A 718 15.93 19.99 -25.25
C ILE A 718 16.86 18.79 -25.01
N LEU A 719 17.32 18.16 -26.09
CA LEU A 719 18.20 17.00 -25.91
C LEU A 719 19.48 17.42 -25.23
N ASN A 720 19.92 18.66 -25.46
CA ASN A 720 21.07 19.19 -24.72
C ASN A 720 20.85 19.14 -23.21
N GLU A 721 19.65 19.53 -22.78
CA GLU A 721 19.31 19.48 -21.36
C GLU A 721 19.28 18.04 -20.88
N ILE A 722 18.77 17.14 -21.71
CA ILE A 722 18.68 15.74 -21.32
C ILE A 722 20.05 15.13 -21.07
N ILE A 723 20.97 15.37 -22.01
CA ILE A 723 22.32 14.87 -21.87
C ILE A 723 23.01 15.41 -20.62
N GLU A 724 22.85 16.70 -20.35
CA GLU A 724 23.44 17.29 -19.15
C GLU A 724 22.82 16.74 -17.88
N HIS A 725 21.51 16.50 -17.93
CA HIS A 725 20.80 15.86 -16.82
C HIS A 725 21.32 14.44 -16.52
N SER A 726 21.74 13.72 -17.56
CA SER A 726 22.30 12.38 -17.36
C SER A 726 23.58 12.37 -16.53
N LYS A 727 24.21 13.54 -16.39
CA LYS A 727 25.46 13.67 -15.63
C LYS A 727 25.25 14.06 -14.16
N SER A 728 24.01 14.26 -13.77
CA SER A 728 23.70 14.63 -12.39
C SER A 728 24.03 13.46 -11.42
N PRO A 729 24.55 13.78 -10.23
CA PRO A 729 24.79 12.76 -9.21
C PRO A 729 23.52 12.09 -8.66
N TYR A 730 22.35 12.72 -8.78
CA TYR A 730 21.11 12.15 -8.25
C TYR A 730 20.47 11.13 -9.16
N PRO A 731 20.28 9.90 -8.68
CA PRO A 731 19.60 8.90 -9.54
C PRO A 731 18.24 9.33 -10.04
N SER A 732 17.46 10.08 -9.25
CA SER A 732 16.18 10.54 -9.79
C SER A 732 16.37 11.31 -11.09
N ASN A 733 17.43 12.12 -11.16
CA ASN A 733 17.73 12.85 -12.37
C ASN A 733 18.30 11.96 -13.47
N TRP A 734 19.35 11.18 -13.18
CA TRP A 734 19.92 10.46 -14.31
C TRP A 734 19.02 9.31 -14.80
N LEU A 735 18.16 8.73 -13.95
CA LEU A 735 17.17 7.79 -14.50
C LEU A 735 16.08 8.51 -15.29
N THR A 736 15.70 9.71 -14.85
CA THR A 736 14.79 10.51 -15.65
C THR A 736 15.40 10.78 -17.03
N SER A 737 16.72 11.02 -17.08
CA SER A 737 17.33 11.31 -18.38
C SER A 737 17.13 10.11 -19.33
N LEU A 738 17.23 8.89 -18.81
CA LEU A 738 16.96 7.71 -19.62
C LEU A 738 15.51 7.73 -20.13
N SER A 739 14.53 7.86 -19.23
CA SER A 739 13.16 7.74 -19.74
C SER A 739 12.76 8.89 -20.68
N VAL A 740 13.17 10.13 -20.43
CA VAL A 740 12.78 11.20 -21.37
C VAL A 740 13.57 11.13 -22.68
N SER A 741 14.71 10.42 -22.70
CA SER A 741 15.45 10.28 -23.96
C SER A 741 14.80 9.30 -24.92
N ALA A 742 13.75 8.62 -24.45
CA ALA A 742 13.00 7.69 -25.30
C ALA A 742 12.59 8.31 -26.64
N TYR A 743 12.34 9.63 -26.61
CA TYR A 743 11.88 10.38 -27.77
C TYR A 743 13.05 10.86 -28.66
N PHE A 744 14.27 10.41 -28.37
CA PHE A 744 15.43 10.82 -29.15
C PHE A 744 16.30 9.65 -29.56
N ASP A 745 17.19 9.87 -30.52
CA ASP A 745 18.03 8.78 -31.01
C ASP A 745 19.13 8.41 -30.01
N LYS A 746 19.22 9.16 -28.92
CA LYS A 746 20.22 8.91 -27.89
C LYS A 746 19.77 7.91 -26.83
N TYR A 747 18.57 7.35 -26.98
CA TYR A 747 18.01 6.49 -25.96
C TYR A 747 18.94 5.31 -25.57
N PHE A 748 19.42 4.55 -26.54
CA PHE A 748 20.22 3.39 -26.16
C PHE A 748 21.61 3.77 -25.66
N GLU A 749 22.14 4.90 -26.11
CA GLU A 749 23.34 5.44 -25.49
C GLU A 749 23.11 5.69 -23.99
N LEU A 750 21.98 6.30 -23.63
CA LEU A 750 21.70 6.53 -22.20
C LEU A 750 21.33 5.24 -21.46
N TYR A 751 20.68 4.31 -22.19
CA TYR A 751 20.38 2.97 -21.66
C TYR A 751 21.66 2.29 -21.16
N ASP A 752 22.70 2.26 -21.99
CA ASP A 752 23.97 1.66 -21.59
C ASP A 752 24.67 2.44 -20.49
N LYS A 753 24.63 3.76 -20.59
CA LYS A 753 25.27 4.59 -19.57
C LYS A 753 24.67 4.36 -18.19
N THR A 754 23.34 4.42 -18.12
CA THR A 754 22.65 4.29 -16.85
C THR A 754 22.69 2.84 -16.38
N TYR A 755 22.76 1.88 -17.31
CA TYR A 755 22.90 0.48 -16.88
C TYR A 755 24.21 0.29 -16.13
N LYS A 756 25.27 0.87 -16.67
CA LYS A 756 26.58 0.75 -16.06
C LYS A 756 26.62 1.42 -14.67
N LEU A 757 25.91 2.54 -14.52
CA LEU A 757 25.76 3.19 -13.22
C LEU A 757 24.95 2.36 -12.23
N SER A 758 24.05 1.52 -12.74
CA SER A 758 23.09 0.81 -11.88
C SER A 758 23.47 -0.62 -11.51
N LYS A 759 24.32 -1.26 -12.33
CA LYS A 759 24.40 -2.71 -12.27
C LYS A 759 25.01 -3.29 -11.00
N ASP A 760 25.74 -2.48 -10.23
CA ASP A 760 26.47 -3.01 -9.07
C ASP A 760 25.78 -2.76 -7.73
N ASP A 761 24.56 -2.23 -7.78
CA ASP A 761 23.73 -2.12 -6.60
C ASP A 761 22.40 -2.80 -6.88
N GLU A 762 22.05 -3.81 -6.10
CA GLU A 762 20.88 -4.64 -6.37
C GLU A 762 19.60 -3.80 -6.54
N LEU A 763 19.44 -2.84 -5.63
CA LEU A 763 18.20 -2.06 -5.60
C LEU A 763 18.19 -1.00 -6.69
N LEU A 764 19.35 -0.38 -6.94
CA LEU A 764 19.47 0.58 -8.03
C LEU A 764 19.19 -0.10 -9.40
N LEU A 765 19.71 -1.30 -9.60
CA LEU A 765 19.45 -2.02 -10.84
C LEU A 765 17.94 -2.29 -11.00
N GLN A 766 17.23 -2.57 -9.89
CA GLN A 766 15.78 -2.77 -9.99
C GLN A 766 15.13 -1.44 -10.41
N GLU A 767 15.68 -0.32 -9.93
CA GLU A 767 15.12 0.99 -10.29
C GLU A 767 15.39 1.27 -11.75
N TRP A 768 16.56 0.86 -12.22
CA TRP A 768 16.90 0.94 -13.65
C TRP A 768 15.95 0.07 -14.49
N LEU A 769 15.70 -1.16 -14.02
CA LEU A 769 14.72 -2.02 -14.71
C LEU A 769 13.35 -1.33 -14.84
N LYS A 770 12.86 -0.73 -13.75
CA LYS A 770 11.56 -0.04 -13.80
C LYS A 770 11.57 1.09 -14.83
N THR A 771 12.68 1.81 -14.88
CA THR A 771 12.80 2.97 -15.79
C THR A 771 12.72 2.51 -17.26
N VAL A 772 13.42 1.42 -17.57
CA VAL A 772 13.37 0.84 -18.90
C VAL A 772 11.95 0.37 -19.19
N SER A 773 11.41 -0.40 -18.26
CA SER A 773 10.05 -0.97 -18.39
C SER A 773 9.00 0.11 -18.72
N ARG A 774 9.15 1.29 -18.11
CA ARG A 774 8.20 2.39 -18.23
C ARG A 774 8.52 3.34 -19.39
N SER A 775 9.63 3.11 -20.11
CA SER A 775 10.07 3.98 -21.20
C SER A 775 9.03 4.03 -22.33
N ASP A 776 8.75 5.24 -22.82
CA ASP A 776 7.78 5.39 -23.89
C ASP A 776 8.43 5.12 -25.24
N ARG A 777 8.65 3.84 -25.50
CA ARG A 777 9.37 3.36 -26.68
C ARG A 777 8.44 2.56 -27.59
N LYS A 778 8.54 2.80 -28.90
CA LYS A 778 7.78 2.04 -29.88
C LYS A 778 8.30 0.60 -29.93
N ASP A 779 9.59 0.42 -29.61
CA ASP A 779 10.20 -0.92 -29.61
C ASP A 779 10.22 -1.53 -28.19
N ILE A 780 9.25 -1.18 -27.36
CA ILE A 780 9.26 -1.63 -25.97
C ILE A 780 9.16 -3.18 -25.85
N TYR A 781 8.44 -3.84 -26.76
CA TYR A 781 8.42 -5.32 -26.68
C TYR A 781 9.79 -5.94 -26.94
N GLU A 782 10.50 -5.44 -27.93
CA GLU A 782 11.87 -5.88 -28.20
C GLU A 782 12.78 -5.56 -27.00
N ILE A 783 12.57 -4.39 -26.41
CA ILE A 783 13.34 -4.01 -25.23
C ILE A 783 13.07 -4.93 -24.06
N LEU A 784 11.79 -5.27 -23.80
CA LEU A 784 11.51 -6.21 -22.72
C LEU A 784 12.17 -7.58 -22.97
N LYS A 785 12.19 -8.02 -24.23
CA LYS A 785 12.84 -9.28 -24.54
C LYS A 785 14.34 -9.22 -24.18
N LYS A 786 14.95 -8.08 -24.47
CA LYS A 786 16.37 -7.84 -24.11
C LYS A 786 16.57 -7.88 -22.58
N LEU A 787 15.69 -7.25 -21.81
CA LEU A 787 15.81 -7.32 -20.35
C LEU A 787 15.71 -8.77 -19.88
N GLU A 788 14.77 -9.52 -20.46
CA GLU A 788 14.56 -10.90 -20.05
C GLU A 788 15.84 -11.72 -20.29
N ASN A 789 16.39 -11.57 -21.49
CA ASN A 789 17.57 -12.34 -21.88
C ASN A 789 18.84 -11.90 -21.17
N GLU A 790 18.99 -10.61 -20.93
CA GLU A 790 20.30 -10.10 -20.53
C GLU A 790 20.41 -9.78 -19.05
N VAL A 791 19.29 -9.46 -18.42
CA VAL A 791 19.32 -9.03 -17.03
C VAL A 791 18.45 -9.87 -16.10
N LEU A 792 17.15 -10.01 -16.42
CA LEU A 792 16.22 -10.73 -15.52
C LEU A 792 16.49 -12.23 -15.48
N LYS A 793 16.59 -12.84 -16.66
CA LYS A 793 16.74 -14.28 -16.80
C LYS A 793 15.71 -15.05 -15.95
N ASP A 794 16.15 -16.05 -15.21
CA ASP A 794 15.18 -16.82 -14.44
C ASP A 794 15.23 -16.43 -12.94
N SER A 795 15.55 -15.17 -12.64
CA SER A 795 15.46 -14.69 -11.24
C SER A 795 14.12 -15.04 -10.65
N LYS A 796 14.12 -15.49 -9.40
CA LYS A 796 12.87 -15.70 -8.66
C LYS A 796 12.67 -14.59 -7.63
N ASN A 797 13.47 -13.53 -7.72
CA ASN A 797 13.35 -12.40 -6.81
C ASN A 797 12.12 -11.58 -7.22
N PRO A 798 11.12 -11.45 -6.32
CA PRO A 798 9.92 -10.69 -6.69
C PRO A 798 10.24 -9.25 -7.09
N ASN A 799 11.22 -8.61 -6.44
CA ASN A 799 11.55 -7.26 -6.86
C ASN A 799 12.00 -7.19 -8.32
N ASP A 800 12.75 -8.20 -8.76
CA ASP A 800 13.25 -8.24 -10.15
C ASP A 800 12.09 -8.37 -11.13
N ILE A 801 11.22 -9.35 -10.87
CA ILE A 801 10.09 -9.64 -11.74
C ILE A 801 9.09 -8.47 -11.78
N ARG A 802 8.74 -7.93 -10.61
CA ARG A 802 7.83 -6.77 -10.58
C ARG A 802 8.43 -5.56 -11.31
N ALA A 803 9.74 -5.37 -11.19
CA ALA A 803 10.37 -4.19 -11.79
C ALA A 803 10.32 -4.26 -13.33
N VAL A 804 10.55 -5.46 -13.88
CA VAL A 804 10.60 -5.64 -15.33
C VAL A 804 9.22 -5.48 -15.93
N TYR A 805 8.18 -5.95 -15.24
CA TYR A 805 6.86 -6.05 -15.92
C TYR A 805 5.79 -5.05 -15.49
N LEU A 806 5.69 -4.71 -14.21
CA LEU A 806 4.58 -3.86 -13.81
C LEU A 806 4.58 -2.45 -14.45
N PRO A 807 5.75 -1.77 -14.57
CA PRO A 807 5.69 -0.41 -15.14
C PRO A 807 5.19 -0.43 -16.57
N PHE A 808 5.69 -1.39 -17.33
CA PHE A 808 5.21 -1.61 -18.70
C PHE A 808 3.69 -1.77 -18.78
N THR A 809 3.06 -2.41 -17.78
CA THR A 809 1.62 -2.64 -17.89
C THR A 809 0.87 -1.29 -17.81
N ASN A 810 1.54 -0.23 -17.41
CA ASN A 810 0.87 1.07 -17.37
C ASN A 810 1.08 1.85 -18.66
N ASN A 811 1.73 1.23 -19.63
CA ASN A 811 1.91 1.86 -20.94
C ASN A 811 0.59 1.76 -21.69
N LEU A 812 -0.15 2.86 -21.73
CA LEU A 812 -1.53 2.79 -22.24
C LEU A 812 -1.60 2.35 -23.70
N ARG A 813 -0.75 2.92 -24.56
CA ARG A 813 -0.78 2.60 -25.98
CA ARG A 813 -0.78 2.60 -25.97
C ARG A 813 -0.24 1.20 -26.27
N ARG A 814 0.81 0.75 -25.55
CA ARG A 814 1.49 -0.47 -25.94
CA ARG A 814 1.52 -0.47 -25.91
C ARG A 814 1.09 -1.74 -25.16
N PHE A 815 0.83 -1.62 -23.86
CA PHE A 815 0.41 -2.81 -23.11
C PHE A 815 -0.93 -3.27 -23.67
N HIS A 816 -1.75 -2.29 -24.02
CA HIS A 816 -3.08 -2.57 -24.56
C HIS A 816 -3.11 -2.68 -26.08
N ASP A 817 -1.98 -3.07 -26.67
CA ASP A 817 -1.91 -3.30 -28.11
C ASP A 817 -3.08 -4.18 -28.53
N ILE A 818 -3.79 -3.74 -29.57
CA ILE A 818 -5.03 -4.40 -29.98
C ILE A 818 -4.85 -5.88 -30.38
N SER A 819 -3.63 -6.30 -30.69
CA SER A 819 -3.33 -7.71 -30.93
C SER A 819 -3.52 -8.60 -29.71
N GLY A 820 -3.50 -7.97 -28.54
CA GLY A 820 -3.52 -8.71 -27.29
C GLY A 820 -2.17 -9.24 -26.86
N LYS A 821 -1.11 -8.84 -27.57
CA LYS A 821 0.24 -9.38 -27.27
C LYS A 821 0.78 -9.00 -25.88
N GLY A 822 0.40 -7.85 -25.35
CA GLY A 822 0.79 -7.45 -23.99
C GLY A 822 0.06 -8.29 -22.97
N TYR A 823 -1.23 -8.56 -23.20
CA TYR A 823 -1.99 -9.41 -22.30
C TYR A 823 -1.40 -10.82 -22.28
N LYS A 824 -1.01 -11.30 -23.46
CA LYS A 824 -0.43 -12.62 -23.60
C LYS A 824 0.89 -12.69 -22.83
N LEU A 825 1.65 -11.61 -22.90
CA LEU A 825 2.98 -11.61 -22.29
C LEU A 825 2.86 -11.65 -20.77
N ILE A 826 2.00 -10.80 -20.19
CA ILE A 826 1.87 -10.76 -18.73
CA ILE A 826 1.89 -10.76 -18.73
C ILE A 826 1.25 -12.06 -18.21
N ALA A 827 0.26 -12.63 -18.94
CA ALA A 827 -0.29 -13.93 -18.52
C ALA A 827 0.79 -15.02 -18.53
N GLU A 828 1.68 -15.02 -19.51
CA GLU A 828 2.78 -15.99 -19.46
C GLU A 828 3.67 -15.80 -18.22
N VAL A 829 3.94 -14.56 -17.86
CA VAL A 829 4.76 -14.28 -16.68
C VAL A 829 4.01 -14.69 -15.40
N ILE A 830 2.70 -14.43 -15.37
CA ILE A 830 1.90 -14.84 -14.22
C ILE A 830 1.93 -16.36 -14.04
N THR A 831 1.66 -17.10 -15.10
CA THR A 831 1.68 -18.56 -15.01
C THR A 831 3.06 -19.07 -14.61
N LYS A 832 4.11 -18.50 -15.18
CA LYS A 832 5.47 -18.91 -14.84
C LYS A 832 5.79 -18.67 -13.37
N THR A 833 5.42 -17.48 -12.89
CA THR A 833 5.66 -17.10 -11.50
C THR A 833 4.84 -17.96 -10.54
N ASP A 834 3.64 -18.34 -10.96
CA ASP A 834 2.72 -19.07 -10.10
C ASP A 834 3.30 -20.44 -9.69
N LYS A 835 4.23 -20.95 -10.50
CA LYS A 835 4.86 -22.24 -10.18
C LYS A 835 5.63 -22.17 -8.85
N PHE A 836 6.16 -21.00 -8.52
CA PHE A 836 7.00 -20.92 -7.32
C PHE A 836 6.56 -19.87 -6.32
N ASN A 837 5.77 -18.86 -6.75
CA ASN A 837 5.30 -17.85 -5.79
C ASN A 837 3.90 -17.35 -6.12
N PRO A 838 2.87 -18.07 -5.65
CA PRO A 838 1.47 -17.71 -5.95
C PRO A 838 1.05 -16.31 -5.52
N MET A 839 1.61 -15.84 -4.40
CA MET A 839 1.22 -14.53 -3.94
C MET A 839 1.69 -13.47 -4.94
N VAL A 840 2.94 -13.61 -5.41
CA VAL A 840 3.46 -12.62 -6.35
C VAL A 840 2.79 -12.81 -7.73
N ALA A 841 2.50 -14.05 -8.11
CA ALA A 841 1.71 -14.23 -9.33
C ALA A 841 0.38 -13.47 -9.31
N THR A 842 -0.28 -13.45 -8.15
CA THR A 842 -1.56 -12.71 -8.10
C THR A 842 -1.31 -11.21 -8.15
N GLN A 843 -0.21 -10.74 -7.57
CA GLN A 843 0.14 -9.32 -7.72
C GLN A 843 0.30 -8.95 -9.20
N LEU A 844 0.89 -9.87 -9.97
CA LEU A 844 1.14 -9.60 -11.38
C LEU A 844 -0.15 -9.59 -12.23
N CYS A 845 -1.27 -10.05 -11.66
CA CYS A 845 -2.57 -9.95 -12.31
C CYS A 845 -3.16 -8.53 -12.30
N GLU A 846 -2.50 -7.59 -11.62
CA GLU A 846 -3.07 -6.25 -11.42
C GLU A 846 -3.66 -5.60 -12.68
N PRO A 847 -2.96 -5.68 -13.83
CA PRO A 847 -3.55 -4.97 -14.99
C PRO A 847 -4.87 -5.56 -15.48
N PHE A 848 -5.17 -6.81 -15.14
CA PHE A 848 -6.41 -7.42 -15.56
C PHE A 848 -7.59 -6.92 -14.71
N LYS A 849 -7.33 -6.20 -13.62
CA LYS A 849 -8.44 -5.84 -12.70
C LYS A 849 -9.52 -4.98 -13.37
N LEU A 850 -9.14 -4.25 -14.42
CA LEU A 850 -10.09 -3.38 -15.12
C LEU A 850 -10.67 -3.98 -16.40
N TRP A 851 -10.49 -5.29 -16.58
CA TRP A 851 -10.80 -5.91 -17.87
C TRP A 851 -12.21 -5.61 -18.41
N ASN A 852 -13.20 -5.57 -17.52
CA ASN A 852 -14.57 -5.44 -17.97
C ASN A 852 -14.95 -3.96 -18.16
N LYS A 853 -13.96 -3.06 -17.98
CA LYS A 853 -14.18 -1.62 -18.19
C LYS A 853 -13.69 -1.18 -19.56
N LEU A 854 -13.05 -2.08 -20.29
CA LEU A 854 -12.45 -1.70 -21.58
C LEU A 854 -13.42 -1.88 -22.73
N ASP A 855 -13.01 -1.46 -23.92
CA ASP A 855 -13.82 -1.65 -25.11
C ASP A 855 -14.03 -3.15 -25.33
N THR A 856 -15.06 -3.52 -26.08
CA THR A 856 -15.45 -4.92 -26.24
CA THR A 856 -15.40 -4.94 -26.11
C THR A 856 -14.33 -5.85 -26.75
N LYS A 857 -13.55 -5.37 -27.70
CA LYS A 857 -12.47 -6.20 -28.22
C LYS A 857 -11.42 -6.49 -27.12
N ARG A 858 -11.03 -5.48 -26.37
CA ARG A 858 -10.00 -5.71 -25.38
C ARG A 858 -10.55 -6.51 -24.19
N GLN A 859 -11.84 -6.34 -23.86
CA GLN A 859 -12.47 -7.24 -22.88
C GLN A 859 -12.29 -8.69 -23.31
N GLU A 860 -12.63 -8.99 -24.56
CA GLU A 860 -12.53 -10.36 -25.06
C GLU A 860 -11.08 -10.85 -24.96
N LEU A 861 -10.13 -10.00 -25.34
CA LEU A 861 -8.73 -10.41 -25.34
C LEU A 861 -8.23 -10.71 -23.91
N MET A 862 -8.55 -9.81 -22.97
CA MET A 862 -8.16 -10.05 -21.58
C MET A 862 -8.82 -11.30 -21.01
N LEU A 863 -10.09 -11.50 -21.33
CA LEU A 863 -10.83 -12.62 -20.73
C LEU A 863 -10.25 -13.90 -21.26
N ASN A 864 -9.84 -13.90 -22.53
CA ASN A 864 -9.24 -15.10 -23.11
CA ASN A 864 -9.24 -15.08 -23.11
C ASN A 864 -7.97 -15.48 -22.37
N GLU A 865 -7.15 -14.49 -22.01
CA GLU A 865 -5.90 -14.83 -21.30
C GLU A 865 -6.18 -15.29 -19.88
N MET A 866 -7.21 -14.71 -19.24
CA MET A 866 -7.53 -15.15 -17.89
C MET A 866 -8.06 -16.57 -17.90
N ASN A 867 -8.84 -16.90 -18.94
CA ASN A 867 -9.37 -18.25 -19.01
C ASN A 867 -8.27 -19.24 -19.33
N THR A 868 -7.32 -18.80 -20.14
CA THR A 868 -6.17 -19.63 -20.40
C THR A 868 -5.40 -19.91 -19.09
N MET A 869 -5.18 -18.87 -18.32
CA MET A 869 -4.48 -19.04 -17.01
C MET A 869 -5.26 -19.99 -16.09
N LEU A 870 -6.59 -19.87 -16.10
CA LEU A 870 -7.45 -20.70 -15.24
C LEU A 870 -7.40 -22.19 -15.64
N GLN A 871 -7.10 -22.46 -16.91
CA GLN A 871 -7.06 -23.83 -17.40
C GLN A 871 -5.71 -24.51 -17.14
N GLU A 872 -4.75 -23.79 -16.57
CA GLU A 872 -3.46 -24.42 -16.27
C GLU A 872 -3.64 -25.49 -15.21
N PRO A 873 -3.21 -26.74 -15.51
CA PRO A 873 -3.48 -27.80 -14.55
C PRO A 873 -2.86 -27.59 -13.17
N GLN A 874 -1.72 -26.91 -13.13
CA GLN A 874 -0.99 -26.75 -11.88
C GLN A 874 -1.25 -25.41 -11.22
N ILE A 875 -2.32 -24.72 -11.61
CA ILE A 875 -2.61 -23.42 -11.00
C ILE A 875 -2.73 -23.48 -9.48
N SER A 876 -2.15 -22.50 -8.82
CA SER A 876 -2.23 -22.43 -7.36
C SER A 876 -3.62 -22.11 -6.85
N ASN A 877 -3.85 -22.44 -5.58
CA ASN A 877 -5.07 -22.01 -4.94
C ASN A 877 -5.28 -20.49 -5.03
N ASN A 878 -4.23 -19.72 -4.69
CA ASN A 878 -4.25 -18.27 -4.75
C ASN A 878 -4.74 -17.73 -6.07
N LEU A 879 -4.05 -18.16 -7.13
CA LEU A 879 -4.30 -17.60 -8.45
C LEU A 879 -5.68 -18.03 -8.98
N LYS A 880 -6.04 -19.28 -8.73
CA LYS A 880 -7.34 -19.79 -9.20
C LYS A 880 -8.48 -18.99 -8.55
N GLU A 881 -8.41 -18.84 -7.24
CA GLU A 881 -9.42 -18.13 -6.48
C GLU A 881 -9.60 -16.69 -6.97
N TYR A 882 -8.47 -16.03 -7.17
CA TYR A 882 -8.44 -14.65 -7.60
C TYR A 882 -9.05 -14.47 -8.98
N LEU A 883 -8.61 -15.29 -9.92
CA LEU A 883 -9.15 -15.17 -11.28
C LEU A 883 -10.61 -15.63 -11.39
N LEU A 884 -11.02 -16.59 -10.57
CA LEU A 884 -12.44 -16.97 -10.59
C LEU A 884 -13.28 -15.79 -10.14
N ARG A 885 -12.88 -15.11 -9.06
CA ARG A 885 -13.63 -13.93 -8.60
C ARG A 885 -13.56 -12.79 -9.61
N LEU A 886 -12.39 -12.57 -10.19
CA LEU A 886 -12.24 -11.45 -11.14
C LEU A 886 -13.05 -11.64 -12.42
N THR A 887 -13.17 -12.88 -12.89
CA THR A 887 -13.94 -13.15 -14.10
C THR A 887 -15.40 -13.49 -13.84
N ASN A 888 -15.87 -13.30 -12.60
CA ASN A 888 -17.27 -13.53 -12.26
C ASN A 888 -17.73 -14.96 -12.55
N LYS A 889 -16.92 -15.94 -12.14
CA LYS A 889 -17.34 -17.34 -12.28
C LYS A 889 -17.82 -17.85 -10.94
#